data_6XLT
#
_entry.id   6XLT
#
_cell.length_a   97.282
_cell.length_b   89.120
_cell.length_c   86.162
_cell.angle_alpha   90.000
_cell.angle_beta   117.820
_cell.angle_gamma   90.000
#
_symmetry.space_group_name_H-M   'C 1 2 1'
#
loop_
_entity.id
_entity.type
_entity.pdbx_description
1 polymer 'Galactose oxidase'
2 non-polymer 'COPPER (II) ION'
3 non-polymer 'CALCIUM ION'
4 non-polymer 'ACETATE ION'
5 non-polymer GLYCEROL
6 water water
#
_entity_poly.entity_id   1
_entity_poly.type   'polypeptide(L)'
_entity_poly.pdbx_seq_one_letter_code
;MASAPIGSAIPRNNWAVTCDSAQSGNECNKAIDGNKDTFWHTFYGANGDPKPPHTYTIDMKTTQNVNGLSVLPRQDGNQN
GWIGRHEVYLSSDGTNWGSPVASGSWFADSTTKYSNFETRPARYVRLVAITEANGQPWTSIAEINVFQASSYTAPQPGLG
RWGPTIDLPIVPAAAAIEPTSGRVLMWSSYRNDAFEGSPGGITLTSSWDPSTGIVSDRTVTVTKHDMFCPGISMDGNGQI
VVTGGNDAKKTSLYDSSSDSWIPGPDMQVARGYQSSATMSDGRVFTIGGSWSGGVFEKNGEVYSPSSKTWTSLPNAKVNP
MLTADKQGLYRSDNHAWLFGWKKGSVFQAGPSTAMNWYYTSGSGDVKSAGKRQSNRGVAPDAMCGNAVMYDAVKGKILTF
GGSPDYQDSDATTNAHIITLGEPGTSPNTVFASNGLYFARTFHTSVVLPDGSTFITGGQRRGIPFEDSTPVFTPEIYVPE
QDTFYKQNPNSIVRAYHSISLLLPDGRVFNGGGGLCGDCTTNHFDAQIFTPNYLYDSNGNLATRPKITRTSTQSVKVGGR
ITISTDSSISKASLIRYGTATHTVNTDQRRIPLTLTNNGGNSYSFQVPSDSGVALPGYWMLFVMNSAGVPSVASTIRVTQ
LEHHHHHH
;
_entity_poly.pdbx_strand_id   A
#
loop_
_chem_comp.id
_chem_comp.type
_chem_comp.name
_chem_comp.formula
ACT non-polymer 'ACETATE ION' 'C2 H3 O2 -1'
CA non-polymer 'CALCIUM ION' 'Ca 2'
CU non-polymer 'COPPER (II) ION' 'Cu 2'
GOL non-polymer GLYCEROL 'C3 H8 O3'
#
# COMPACT_ATOMS: atom_id res chain seq x y z
N ALA A 2 -6.35 -11.36 16.90
CA ALA A 2 -6.66 -10.03 17.39
C ALA A 2 -5.68 -9.00 16.84
N SER A 3 -4.96 -8.34 17.73
CA SER A 3 -3.89 -7.41 17.35
CA SER A 3 -3.93 -7.35 17.37
C SER A 3 -2.98 -7.12 18.54
N ALA A 4 -2.25 -6.02 18.49
CA ALA A 4 -1.30 -5.69 19.56
C ALA A 4 -0.85 -4.23 19.52
N PRO A 5 -0.40 -3.70 20.67
CA PRO A 5 0.22 -2.37 20.74
C PRO A 5 1.72 -2.42 20.43
N ILE A 6 2.30 -1.30 19.98
CA ILE A 6 3.73 -1.28 19.72
C ILE A 6 4.55 -0.99 20.98
N GLY A 7 3.87 -0.64 22.06
CA GLY A 7 4.56 -0.31 23.30
C GLY A 7 4.16 -1.17 24.48
N SER A 8 4.60 -0.78 25.68
CA SER A 8 4.21 -1.47 26.91
C SER A 8 3.25 -0.58 27.69
N ALA A 9 2.32 -1.21 28.43
CA ALA A 9 1.27 -0.47 29.11
C ALA A 9 1.81 0.41 30.22
N ILE A 10 1.37 1.66 30.21
CA ILE A 10 1.70 2.62 31.25
C ILE A 10 0.83 2.36 32.48
N PRO A 11 1.44 2.32 33.68
CA PRO A 11 0.66 2.12 34.90
C PRO A 11 -0.31 3.28 35.12
N ARG A 12 -1.53 2.96 35.54
CA ARG A 12 -2.63 3.92 35.56
C ARG A 12 -3.08 4.33 36.95
N ASN A 13 -2.47 3.76 37.98
CA ASN A 13 -3.00 3.94 39.33
C ASN A 13 -2.95 5.39 39.84
N ASN A 14 -2.22 6.26 39.16
CA ASN A 14 -2.19 7.68 39.52
C ASN A 14 -2.78 8.60 38.45
N TRP A 15 -3.42 8.01 37.44
CA TRP A 15 -4.06 8.78 36.39
C TRP A 15 -5.29 9.55 36.87
N ALA A 16 -5.51 10.72 36.28
CA ALA A 16 -6.78 11.44 36.41
C ALA A 16 -7.50 11.47 35.06
N VAL A 17 -8.77 11.13 35.05
CA VAL A 17 -9.52 11.02 33.79
C VAL A 17 -10.79 11.85 33.80
N THR A 18 -11.15 12.36 32.62
CA THR A 18 -12.41 13.09 32.45
C THR A 18 -13.13 12.60 31.19
N CYS A 19 -14.46 12.59 31.24
CA CYS A 19 -15.30 12.18 30.11
C CYS A 19 -16.39 13.22 29.85
N ASP A 20 -16.88 13.31 28.61
CA ASP A 20 -17.87 14.35 28.32
C ASP A 20 -19.16 14.11 29.09
N SER A 21 -19.50 12.84 29.34
CA SER A 21 -20.57 12.50 30.28
C SER A 21 -20.37 11.06 30.76
N ALA A 22 -20.92 10.75 31.93
CA ALA A 22 -20.81 9.40 32.47
C ALA A 22 -22.01 9.05 33.34
N GLN A 23 -22.63 7.91 33.06
CA GLN A 23 -23.74 7.41 33.87
C GLN A 23 -23.27 6.98 35.25
N SER A 24 -24.10 7.21 36.27
CA SER A 24 -23.79 6.75 37.61
C SER A 24 -23.60 5.24 37.61
N GLY A 25 -22.49 4.78 38.19
CA GLY A 25 -22.17 3.36 38.23
C GLY A 25 -21.31 2.98 37.05
N ASN A 26 -21.28 3.87 36.05
CA ASN A 26 -20.48 3.67 34.85
C ASN A 26 -19.55 4.87 34.69
N GLU A 27 -18.92 5.24 35.78
CA GLU A 27 -18.08 6.43 35.82
C GLU A 27 -16.90 6.33 34.86
N CYS A 28 -16.37 7.49 34.54
CA CYS A 28 -15.20 7.61 33.69
C CYS A 28 -14.04 6.70 34.11
N ASN A 29 -13.81 6.58 35.42
CA ASN A 29 -12.64 5.84 35.90
C ASN A 29 -12.84 4.32 35.95
N LYS A 30 -14.04 3.86 35.63
CA LYS A 30 -14.26 2.42 35.50
C LYS A 30 -13.52 1.87 34.26
N ALA A 31 -13.04 2.77 33.42
CA ALA A 31 -12.30 2.35 32.23
C ALA A 31 -10.81 2.15 32.53
N ILE A 32 -10.37 2.52 33.74
CA ILE A 32 -8.97 2.33 34.10
C ILE A 32 -8.79 1.64 35.45
N ASP A 33 -9.79 0.89 35.89
CA ASP A 33 -9.70 0.25 37.20
C ASP A 33 -9.14 -1.16 37.14
N GLY A 34 -8.76 -1.60 35.95
CA GLY A 34 -8.21 -2.93 35.77
C GLY A 34 -9.26 -4.03 35.81
N ASN A 35 -10.53 -3.62 35.92
CA ASN A 35 -11.63 -4.57 35.96
C ASN A 35 -12.33 -4.69 34.61
N LYS A 36 -12.16 -5.85 33.98
CA LYS A 36 -12.73 -6.14 32.67
C LYS A 36 -14.27 -6.09 32.67
N ASP A 37 -14.87 -6.25 33.83
CA ASP A 37 -16.32 -6.30 33.95
C ASP A 37 -16.96 -4.95 34.25
N THR A 38 -16.14 -3.95 34.58
CA THR A 38 -16.64 -2.60 34.82
C THR A 38 -16.35 -1.70 33.63
N PHE A 39 -17.23 -0.75 33.34
CA PHE A 39 -17.04 0.10 32.18
C PHE A 39 -17.55 1.53 32.37
N TRP A 40 -16.89 2.46 31.69
CA TRP A 40 -17.42 3.81 31.49
C TRP A 40 -18.53 3.79 30.47
N HIS A 41 -19.61 4.53 30.73
CA HIS A 41 -20.71 4.63 29.77
C HIS A 41 -21.24 6.05 29.79
N THR A 42 -21.46 6.65 28.62
CA THR A 42 -22.01 7.99 28.54
C THR A 42 -23.48 8.00 28.98
N PHE A 43 -24.04 9.20 29.15
CA PHE A 43 -25.42 9.34 29.64
C PHE A 43 -26.44 8.52 28.84
N TYR A 44 -27.38 7.92 29.56
CA TYR A 44 -28.53 7.28 28.95
C TYR A 44 -29.70 7.30 29.93
N GLY A 45 -30.85 6.84 29.47
CA GLY A 45 -32.04 6.79 30.31
C GLY A 45 -32.47 8.15 30.82
N ALA A 46 -32.55 8.30 32.14
CA ALA A 46 -33.05 9.53 32.76
C ALA A 46 -32.18 10.75 32.47
N ASN A 47 -30.92 10.52 32.10
CA ASN A 47 -30.01 11.61 31.78
C ASN A 47 -30.13 12.04 30.31
N GLY A 48 -31.02 11.38 29.58
CA GLY A 48 -31.16 11.62 28.16
C GLY A 48 -30.11 10.82 27.42
N ASP A 49 -30.11 10.90 26.09
CA ASP A 49 -29.17 10.11 25.29
C ASP A 49 -28.33 10.97 24.34
N PRO A 50 -27.42 11.78 24.90
CA PRO A 50 -26.60 12.67 24.08
C PRO A 50 -25.75 11.90 23.07
N LYS A 51 -25.79 12.31 21.81
CA LYS A 51 -25.17 11.58 20.72
C LYS A 51 -23.67 11.89 20.66
N PRO A 52 -22.90 11.05 19.94
CA PRO A 52 -21.48 11.37 19.78
C PRO A 52 -21.30 12.64 18.94
N PRO A 53 -20.10 13.23 18.92
CA PRO A 53 -18.85 12.77 19.55
C PRO A 53 -18.85 12.72 21.08
N HIS A 54 -18.24 11.66 21.61
CA HIS A 54 -17.98 11.52 23.03
C HIS A 54 -16.46 11.48 23.24
N THR A 55 -16.01 11.86 24.43
CA THR A 55 -14.58 12.11 24.62
C THR A 55 -14.03 11.56 25.93
N TYR A 56 -12.88 10.90 25.86
CA TYR A 56 -12.19 10.37 27.02
C TYR A 56 -10.80 11.01 27.12
N THR A 57 -10.53 11.71 28.21
CA THR A 57 -9.25 12.41 28.35
C THR A 57 -8.46 11.94 29.58
N ILE A 58 -7.20 11.65 29.36
CA ILE A 58 -6.31 11.10 30.38
C ILE A 58 -5.19 12.07 30.72
N ASP A 59 -5.06 12.38 32.01
CA ASP A 59 -3.88 13.08 32.53
C ASP A 59 -2.97 12.06 33.18
N MET A 60 -1.87 11.74 32.53
CA MET A 60 -0.95 10.74 33.05
C MET A 60 0.02 11.33 34.07
N LYS A 61 -0.10 12.64 34.30
CA LYS A 61 0.66 13.40 35.31
C LYS A 61 2.09 13.74 34.86
N THR A 62 2.80 12.74 34.34
CA THR A 62 4.16 12.95 33.87
C THR A 62 4.24 12.66 32.39
N THR A 63 5.32 13.13 31.75
CA THR A 63 5.53 12.88 30.33
C THR A 63 5.88 11.43 30.08
N GLN A 64 5.18 10.81 29.12
CA GLN A 64 5.48 9.46 28.69
C GLN A 64 5.75 9.47 27.19
N ASN A 65 6.55 8.53 26.72
CA ASN A 65 6.83 8.41 25.30
C ASN A 65 5.75 7.55 24.65
N VAL A 66 4.63 8.18 24.32
CA VAL A 66 3.42 7.46 23.96
C VAL A 66 3.47 6.99 22.52
N ASN A 67 3.19 5.71 22.29
CA ASN A 67 3.11 5.20 20.92
C ASN A 67 1.85 4.39 20.64
N GLY A 68 0.87 4.48 21.53
CA GLY A 68 -0.41 3.89 21.20
C GLY A 68 -1.41 3.86 22.32
N LEU A 69 -2.62 3.42 22.01
CA LEU A 69 -3.60 3.14 23.04
C LEU A 69 -4.43 1.92 22.66
N SER A 70 -5.17 1.38 23.62
CA SER A 70 -6.08 0.29 23.34
C SER A 70 -7.41 0.53 24.02
N VAL A 71 -8.47 0.01 23.40
CA VAL A 71 -9.81 0.08 23.95
C VAL A 71 -10.40 -1.32 24.04
N LEU A 72 -10.72 -1.74 25.26
CA LEU A 72 -11.43 -3.00 25.48
C LEU A 72 -12.92 -2.72 25.62
N PRO A 73 -13.74 -3.23 24.69
CA PRO A 73 -15.21 -3.05 24.80
C PRO A 73 -15.84 -3.83 25.94
N ARG A 74 -17.09 -3.51 26.26
CA ARG A 74 -17.85 -4.24 27.25
C ARG A 74 -17.84 -5.73 26.96
N GLN A 75 -17.89 -6.51 28.03
CA GLN A 75 -17.70 -7.94 27.93
C GLN A 75 -18.94 -8.70 28.36
N ASP A 76 -20.05 -7.97 28.46
CA ASP A 76 -21.33 -8.55 28.88
C ASP A 76 -22.31 -8.74 27.72
N GLY A 77 -21.82 -8.67 26.50
CA GLY A 77 -22.64 -8.91 25.33
C GLY A 77 -23.39 -7.70 24.83
N ASN A 78 -23.29 -6.58 25.54
CA ASN A 78 -23.92 -5.34 25.09
C ASN A 78 -23.10 -4.71 23.97
N GLN A 79 -23.74 -4.49 22.83
CA GLN A 79 -23.04 -4.06 21.62
C GLN A 79 -23.25 -2.58 21.26
N ASN A 80 -23.92 -1.83 22.12
CA ASN A 80 -24.40 -0.50 21.71
C ASN A 80 -23.51 0.70 22.00
N GLY A 81 -22.29 0.47 22.48
CA GLY A 81 -21.37 1.57 22.74
C GLY A 81 -20.00 1.48 22.06
N TRP A 82 -19.86 0.53 21.14
CA TRP A 82 -18.62 0.34 20.40
C TRP A 82 -18.23 1.61 19.65
N ILE A 83 -16.94 1.95 19.68
CA ILE A 83 -16.45 3.16 19.01
C ILE A 83 -16.18 2.89 17.53
N GLY A 84 -16.78 3.70 16.67
CA GLY A 84 -16.58 3.57 15.23
C GLY A 84 -15.51 4.52 14.74
N ARG A 85 -15.95 5.63 14.15
CA ARG A 85 -15.03 6.68 13.74
C ARG A 85 -14.43 7.32 14.98
N HIS A 86 -13.14 7.61 14.96
CA HIS A 86 -12.45 8.13 16.12
C HIS A 86 -11.19 8.88 15.76
N GLU A 87 -10.70 9.65 16.73
CA GLU A 87 -9.47 10.41 16.60
C GLU A 87 -8.70 10.28 17.91
N VAL A 88 -7.38 10.24 17.82
CA VAL A 88 -6.54 10.27 19.00
C VAL A 88 -5.66 11.52 18.99
N TYR A 89 -5.65 12.26 20.11
CA TYR A 89 -4.87 13.47 20.25
C TYR A 89 -3.88 13.36 21.41
N LEU A 90 -2.74 14.04 21.28
CA LEU A 90 -1.75 14.10 22.34
C LEU A 90 -1.46 15.55 22.70
N SER A 91 -1.13 15.80 23.97
CA SER A 91 -0.82 17.14 24.44
C SER A 91 0.21 17.14 25.56
N SER A 92 0.98 18.22 25.63
CA SER A 92 1.93 18.42 26.71
C SER A 92 1.36 19.33 27.80
N ASP A 93 0.40 20.18 27.44
CA ASP A 93 -0.19 21.10 28.41
C ASP A 93 -1.63 20.72 28.78
N GLY A 94 -2.31 20.02 27.88
CA GLY A 94 -3.67 19.58 28.14
C GLY A 94 -4.72 20.55 27.62
N THR A 95 -4.27 21.58 26.91
CA THR A 95 -5.18 22.58 26.35
C THR A 95 -5.08 22.61 24.84
N ASN A 96 -3.84 22.57 24.34
CA ASN A 96 -3.58 22.54 22.91
C ASN A 96 -3.34 21.10 22.45
N TRP A 97 -4.12 20.65 21.46
CA TRP A 97 -4.09 19.24 21.07
C TRP A 97 -3.57 18.99 19.66
N GLY A 98 -3.50 20.03 18.84
CA GLY A 98 -3.00 19.90 17.48
C GLY A 98 -3.80 18.94 16.62
N SER A 99 -3.15 18.36 15.62
CA SER A 99 -3.78 17.38 14.72
C SER A 99 -3.76 16.00 15.34
N PRO A 100 -4.75 15.15 14.97
CA PRO A 100 -4.79 13.80 15.53
C PRO A 100 -3.54 13.03 15.16
N VAL A 101 -2.97 12.26 16.09
CA VAL A 101 -1.85 11.39 15.76
C VAL A 101 -2.35 10.14 15.05
N ALA A 102 -3.65 9.87 15.21
CA ALA A 102 -4.29 8.73 14.57
C ALA A 102 -5.76 9.02 14.42
N SER A 103 -6.34 8.52 13.34
CA SER A 103 -7.76 8.66 13.11
CA SER A 103 -7.75 8.71 13.05
C SER A 103 -8.23 7.58 12.14
N GLY A 104 -9.50 7.23 12.23
CA GLY A 104 -10.05 6.23 11.33
C GLY A 104 -11.29 5.59 11.88
N SER A 105 -11.52 4.34 11.51
CA SER A 105 -12.72 3.63 11.95
CA SER A 105 -12.73 3.62 11.92
C SER A 105 -12.39 2.22 12.43
N TRP A 106 -12.94 1.87 13.59
CA TRP A 106 -12.78 0.53 14.14
C TRP A 106 -13.93 -0.39 13.74
N PHE A 107 -13.61 -1.67 13.52
CA PHE A 107 -14.60 -2.69 13.17
C PHE A 107 -15.66 -2.84 14.26
N ALA A 108 -16.90 -3.12 13.86
CA ALA A 108 -17.99 -3.30 14.81
C ALA A 108 -18.01 -4.70 15.42
N ASP A 109 -17.21 -4.89 16.48
CA ASP A 109 -17.33 -6.06 17.33
C ASP A 109 -16.73 -5.76 18.71
N SER A 110 -16.72 -6.78 19.58
CA SER A 110 -16.30 -6.55 20.95
C SER A 110 -14.81 -6.81 21.18
N THR A 111 -14.04 -7.02 20.11
CA THR A 111 -12.62 -7.26 20.27
C THR A 111 -11.87 -5.99 20.70
N THR A 112 -10.75 -6.17 21.39
CA THR A 112 -9.89 -5.05 21.74
C THR A 112 -9.42 -4.30 20.50
N LYS A 113 -9.59 -2.99 20.51
CA LYS A 113 -9.16 -2.14 19.40
C LYS A 113 -7.90 -1.39 19.78
N TYR A 114 -7.12 -1.03 18.77
CA TYR A 114 -5.86 -0.37 19.00
C TYR A 114 -5.67 0.83 18.10
N SER A 115 -4.93 1.79 18.61
CA SER A 115 -4.40 2.91 17.83
CA SER A 115 -4.41 2.88 17.81
C SER A 115 -2.91 2.95 18.03
N ASN A 116 -2.14 2.59 17.01
CA ASN A 116 -0.68 2.60 17.09
C ASN A 116 -0.10 3.74 16.23
N PHE A 117 0.87 4.46 16.77
CA PHE A 117 1.38 5.63 16.05
C PHE A 117 2.79 5.98 16.47
N GLU A 118 3.43 6.87 15.70
CA GLU A 118 4.81 7.24 16.00
C GLU A 118 4.94 7.82 17.40
N THR A 119 6.00 7.40 18.09
CA THR A 119 6.25 7.82 19.46
C THR A 119 6.27 9.34 19.56
N ARG A 120 5.54 9.87 20.55
CA ARG A 120 5.59 11.30 20.81
C ARG A 120 5.45 11.54 22.30
N PRO A 121 6.38 12.30 22.89
CA PRO A 121 6.29 12.64 24.31
C PRO A 121 4.97 13.34 24.60
N ALA A 122 4.27 12.89 25.63
CA ALA A 122 2.99 13.48 25.99
C ALA A 122 2.65 13.22 27.46
N ARG A 123 1.92 14.16 28.06
CA ARG A 123 1.37 13.96 29.39
C ARG A 123 -0.12 13.65 29.31
N TYR A 124 -0.79 14.23 28.32
CA TYR A 124 -2.23 14.09 28.15
C TYR A 124 -2.58 13.30 26.88
N VAL A 125 -3.60 12.44 26.99
CA VAL A 125 -4.06 11.64 25.86
C VAL A 125 -5.58 11.78 25.76
N ARG A 126 -6.08 12.06 24.56
CA ARG A 126 -7.51 12.20 24.35
C ARG A 126 -8.00 11.27 23.25
N LEU A 127 -9.04 10.51 23.56
CA LEU A 127 -9.71 9.69 22.56
C LEU A 127 -11.07 10.31 22.27
N VAL A 128 -11.31 10.62 21.00
CA VAL A 128 -12.62 11.12 20.59
C VAL A 128 -13.35 10.03 19.81
N ALA A 129 -14.49 9.62 20.33
CA ALA A 129 -15.39 8.72 19.63
C ALA A 129 -16.34 9.55 18.79
N ILE A 130 -16.08 9.65 17.50
N ILE A 130 -16.04 9.67 17.51
CA ILE A 130 -16.89 10.52 16.65
CA ILE A 130 -16.84 10.48 16.59
C ILE A 130 -18.21 9.85 16.29
C ILE A 130 -18.21 9.84 16.36
N THR A 131 -18.20 8.54 16.07
CA THR A 131 -19.44 7.78 15.93
C THR A 131 -19.39 6.51 16.77
N GLU A 132 -20.57 5.99 17.10
CA GLU A 132 -20.72 4.65 17.62
C GLU A 132 -20.75 3.74 16.39
N ALA A 133 -20.23 2.51 16.53
CA ALA A 133 -19.94 1.66 15.38
C ALA A 133 -21.17 1.36 14.52
N ASN A 134 -22.35 1.35 15.13
CA ASN A 134 -23.59 1.11 14.40
C ASN A 134 -24.54 2.29 14.51
N GLY A 135 -23.98 3.48 14.77
CA GLY A 135 -24.76 4.71 14.72
C GLY A 135 -25.63 5.03 15.91
N GLN A 136 -25.40 4.36 17.04
CA GLN A 136 -26.18 4.57 18.26
CA GLN A 136 -26.21 4.59 18.23
C GLN A 136 -25.67 5.80 19.01
N PRO A 137 -26.44 6.29 20.00
CA PRO A 137 -25.95 7.50 20.68
C PRO A 137 -24.75 7.33 21.62
N TRP A 138 -24.52 6.12 22.13
CA TRP A 138 -23.66 6.00 23.32
C TRP A 138 -22.23 5.59 23.03
N THR A 139 -21.36 5.88 24.00
CA THR A 139 -19.99 5.39 23.99
C THR A 139 -19.72 4.70 25.31
N SER A 140 -19.10 3.52 25.24
CA SER A 140 -18.63 2.83 26.44
C SER A 140 -17.25 2.22 26.24
N ILE A 141 -16.50 2.09 27.34
CA ILE A 141 -15.19 1.46 27.37
C ILE A 141 -14.99 0.68 28.67
N ALA A 142 -14.68 -0.61 28.57
CA ALA A 142 -14.42 -1.43 29.76
C ALA A 142 -13.02 -1.17 30.33
N GLU A 143 -12.04 -1.10 29.43
CA GLU A 143 -10.66 -0.78 29.81
C GLU A 143 -9.97 0.02 28.71
N ILE A 144 -9.37 1.15 29.08
CA ILE A 144 -8.51 1.87 28.15
C ILE A 144 -7.07 1.85 28.69
N ASN A 145 -6.12 1.62 27.79
CA ASN A 145 -4.71 1.62 28.15
C ASN A 145 -3.94 2.49 27.20
N VAL A 146 -2.84 3.05 27.68
CA VAL A 146 -1.93 3.82 26.84
C VAL A 146 -0.55 3.18 26.91
N PHE A 147 0.13 3.14 25.77
CA PHE A 147 1.38 2.40 25.67
C PHE A 147 2.55 3.34 25.42
N GLN A 148 3.72 2.94 25.92
CA GLN A 148 4.91 3.75 25.74
C GLN A 148 6.00 2.97 25.03
N ALA A 149 6.82 3.69 24.28
CA ALA A 149 8.05 3.13 23.73
C ALA A 149 9.13 3.19 24.79
N SER A 150 10.21 2.43 24.60
CA SER A 150 11.29 2.41 25.57
C SER A 150 12.10 3.71 25.54
N SER A 151 12.02 4.42 24.42
CA SER A 151 12.73 5.67 24.24
C SER A 151 12.06 6.54 23.18
N TYR A 152 12.50 7.79 23.07
CA TYR A 152 12.05 8.68 22.01
C TYR A 152 13.22 9.34 21.31
N THR A 153 13.19 9.37 19.98
CA THR A 153 14.19 10.05 19.20
C THR A 153 13.52 10.95 18.18
N ALA A 154 13.84 12.24 18.23
CA ALA A 154 13.29 13.20 17.26
C ALA A 154 13.69 12.79 15.84
N PRO A 155 12.78 13.01 14.88
CA PRO A 155 13.13 12.72 13.49
C PRO A 155 14.30 13.61 13.04
N GLN A 156 15.19 13.08 12.22
CA GLN A 156 16.28 13.91 11.70
C GLN A 156 15.75 14.82 10.61
N PRO A 157 16.15 16.10 10.63
CA PRO A 157 15.76 17.03 9.57
C PRO A 157 16.20 16.51 8.20
N GLY A 158 15.32 16.65 7.21
CA GLY A 158 15.69 16.31 5.85
C GLY A 158 15.43 14.88 5.43
N LEU A 159 14.96 14.04 6.36
CA LEU A 159 14.80 12.62 6.06
C LEU A 159 13.32 12.20 6.08
N GLY A 160 12.43 13.14 5.83
CA GLY A 160 11.02 12.83 5.70
C GLY A 160 10.35 12.68 7.05
N ARG A 161 9.06 12.37 7.04
CA ARG A 161 8.31 12.25 8.28
C ARG A 161 7.23 11.19 8.20
N TRP A 162 7.08 10.42 9.26
CA TRP A 162 5.98 9.46 9.37
C TRP A 162 4.82 10.02 10.20
N GLY A 163 3.60 9.79 9.71
CA GLY A 163 2.40 10.15 10.43
C GLY A 163 1.44 10.92 9.54
N PRO A 164 0.14 10.87 9.87
CA PRO A 164 -0.46 10.17 11.01
C PRO A 164 -0.71 8.70 10.70
N THR A 165 -1.25 8.00 11.68
CA THR A 165 -1.81 6.66 11.47
C THR A 165 -3.26 6.76 11.02
N ILE A 166 -3.64 5.90 10.08
CA ILE A 166 -5.04 5.70 9.70
C ILE A 166 -5.48 4.37 10.30
N ASP A 167 -6.42 4.42 11.24
CA ASP A 167 -6.98 3.19 11.83
C ASP A 167 -8.08 2.63 10.92
N LEU A 168 -8.06 1.31 10.74
CA LEU A 168 -8.92 0.65 9.77
C LEU A 168 -9.73 -0.47 10.39
N PRO A 169 -10.85 -0.83 9.76
CA PRO A 169 -11.65 -1.97 10.22
C PRO A 169 -11.21 -3.30 9.65
N ILE A 170 -10.22 -3.30 8.75
CA ILE A 170 -9.66 -4.52 8.16
C ILE A 170 -8.16 -4.42 8.14
N VAL A 171 -7.50 -5.55 7.85
CA VAL A 171 -6.07 -5.59 7.54
C VAL A 171 -5.92 -5.39 6.04
N PRO A 172 -5.34 -4.25 5.60
CA PRO A 172 -5.29 -3.96 4.15
C PRO A 172 -4.14 -4.65 3.44
N ALA A 173 -4.31 -5.95 3.20
CA ALA A 173 -3.27 -6.75 2.54
C ALA A 173 -3.26 -6.59 1.03
N ALA A 174 -4.29 -5.95 0.48
CA ALA A 174 -4.32 -5.59 -0.93
C ALA A 174 -4.88 -4.18 -1.03
N ALA A 175 -4.41 -3.40 -1.99
CA ALA A 175 -4.85 -2.02 -2.11
C ALA A 175 -4.64 -1.46 -3.52
N ALA A 176 -5.39 -0.42 -3.84
CA ALA A 176 -5.23 0.28 -5.10
C ALA A 176 -5.67 1.71 -4.93
N ILE A 177 -5.11 2.63 -5.72
CA ILE A 177 -5.70 3.96 -5.78
C ILE A 177 -6.89 3.95 -6.76
N GLU A 178 -7.99 4.56 -6.35
CA GLU A 178 -9.14 4.78 -7.23
C GLU A 178 -8.85 6.08 -7.99
N PRO A 179 -8.40 6.00 -9.25
CA PRO A 179 -7.83 7.23 -9.82
C PRO A 179 -8.83 8.36 -10.06
N THR A 180 -10.10 8.05 -10.29
CA THR A 180 -11.07 9.11 -10.58
C THR A 180 -11.52 9.86 -9.33
N SER A 181 -11.32 9.26 -8.15
CA SER A 181 -11.78 9.86 -6.90
C SER A 181 -10.63 10.24 -5.97
N GLY A 182 -9.47 9.62 -6.17
CA GLY A 182 -8.32 9.90 -5.32
C GLY A 182 -8.30 9.09 -4.04
N ARG A 183 -9.29 8.20 -3.86
CA ARG A 183 -9.38 7.41 -2.65
C ARG A 183 -8.47 6.18 -2.69
N VAL A 184 -8.07 5.70 -1.52
CA VAL A 184 -7.35 4.44 -1.39
C VAL A 184 -8.35 3.33 -1.14
N LEU A 185 -8.39 2.36 -2.05
CA LEU A 185 -9.20 1.15 -1.91
C LEU A 185 -8.36 0.04 -1.30
N MET A 186 -8.91 -0.69 -0.34
CA MET A 186 -8.19 -1.75 0.39
C MET A 186 -9.08 -2.96 0.52
N TRP A 187 -8.49 -4.16 0.59
CA TRP A 187 -9.31 -5.31 0.95
C TRP A 187 -8.51 -6.38 1.66
N SER A 188 -9.24 -7.22 2.38
CA SER A 188 -8.64 -8.30 3.14
C SER A 188 -9.04 -9.65 2.54
N SER A 189 -10.13 -10.22 3.04
CA SER A 189 -10.62 -11.51 2.58
C SER A 189 -12.09 -11.62 2.98
N TYR A 190 -12.59 -12.82 3.24
CA TYR A 190 -14.00 -12.97 3.63
C TYR A 190 -14.24 -12.38 5.02
N ARG A 191 -13.17 -12.28 5.80
CA ARG A 191 -13.20 -11.65 7.12
CA ARG A 191 -13.24 -11.63 7.11
C ARG A 191 -12.26 -10.46 7.17
N ASN A 192 -12.38 -9.66 8.22
CA ASN A 192 -11.56 -8.46 8.34
C ASN A 192 -10.08 -8.76 8.55
N ASP A 193 -9.74 -9.90 9.15
CA ASP A 193 -8.35 -10.21 9.41
C ASP A 193 -7.97 -11.66 9.16
N ALA A 194 -8.82 -12.40 8.46
CA ALA A 194 -8.59 -13.82 8.28
C ALA A 194 -8.99 -14.27 6.90
N PHE A 195 -8.21 -15.20 6.33
CA PHE A 195 -8.52 -15.79 5.04
C PHE A 195 -8.78 -17.28 5.17
N GLU A 196 -8.38 -17.84 6.30
CA GLU A 196 -8.35 -19.27 6.52
C GLU A 196 -9.77 -19.82 6.68
N GLY A 197 -10.06 -20.92 6.00
CA GLY A 197 -11.38 -21.52 6.10
C GLY A 197 -12.48 -20.66 5.52
N SER A 198 -12.19 -20.01 4.40
CA SER A 198 -13.17 -19.19 3.72
C SER A 198 -14.17 -20.04 2.96
N PRO A 199 -15.46 -19.67 3.03
CA PRO A 199 -16.46 -20.33 2.19
C PRO A 199 -16.43 -19.75 0.77
N GLY A 200 -15.61 -18.73 0.58
CA GLY A 200 -15.53 -18.02 -0.69
C GLY A 200 -16.70 -17.08 -0.92
N GLY A 201 -16.62 -16.29 -1.98
CA GLY A 201 -17.76 -15.49 -2.44
C GLY A 201 -17.93 -14.13 -1.79
N ILE A 202 -17.00 -13.78 -0.90
CA ILE A 202 -17.09 -12.56 -0.10
C ILE A 202 -15.73 -11.90 0.05
N THR A 203 -15.67 -10.58 -0.20
CA THR A 203 -14.49 -9.80 0.15
C THR A 203 -14.90 -8.59 0.98
N LEU A 204 -14.24 -8.37 2.11
CA LEU A 204 -14.39 -7.14 2.87
C LEU A 204 -13.44 -6.08 2.35
N THR A 205 -13.99 -4.91 2.04
CA THR A 205 -13.19 -3.79 1.54
C THR A 205 -13.32 -2.59 2.48
N SER A 206 -12.35 -1.69 2.36
CA SER A 206 -12.36 -0.45 3.12
C SER A 206 -11.75 0.61 2.24
N SER A 207 -12.18 1.85 2.38
N SER A 207 -12.18 1.85 2.41
CA SER A 207 -11.55 2.92 1.61
CA SER A 207 -11.61 2.95 1.65
C SER A 207 -11.23 4.11 2.51
C SER A 207 -11.15 4.05 2.59
N TRP A 208 -10.16 4.82 2.16
CA TRP A 208 -9.74 6.02 2.89
C TRP A 208 -9.65 7.17 1.90
N ASP A 209 -10.28 8.29 2.24
CA ASP A 209 -10.27 9.47 1.38
C ASP A 209 -9.26 10.47 1.93
N PRO A 210 -8.15 10.68 1.22
CA PRO A 210 -7.12 11.60 1.73
C PRO A 210 -7.63 13.03 1.92
N SER A 211 -8.67 13.40 1.18
CA SER A 211 -9.20 14.77 1.24
C SER A 211 -10.02 15.03 2.51
N THR A 212 -10.68 13.99 3.01
CA THR A 212 -11.60 14.14 4.14
C THR A 212 -11.20 13.35 5.39
N GLY A 213 -10.32 12.37 5.21
CA GLY A 213 -9.88 11.53 6.31
C GLY A 213 -10.85 10.40 6.64
N ILE A 214 -11.97 10.36 5.92
CA ILE A 214 -13.01 9.39 6.19
C ILE A 214 -12.60 7.98 5.78
N VAL A 215 -12.77 7.05 6.72
CA VAL A 215 -12.63 5.63 6.43
C VAL A 215 -14.02 5.01 6.30
N SER A 216 -14.26 4.33 5.19
CA SER A 216 -15.53 3.65 4.98
C SER A 216 -15.28 2.17 4.77
N ASP A 217 -16.35 1.38 4.72
CA ASP A 217 -16.20 -0.04 4.44
C ASP A 217 -17.40 -0.62 3.72
N ARG A 218 -17.15 -1.71 2.99
CA ARG A 218 -18.16 -2.37 2.19
CA ARG A 218 -18.17 -2.38 2.21
C ARG A 218 -17.93 -3.88 2.20
N THR A 219 -19.00 -4.65 2.12
CA THR A 219 -18.93 -6.09 1.95
C THR A 219 -19.28 -6.38 0.51
N VAL A 220 -18.36 -6.95 -0.25
CA VAL A 220 -18.57 -7.18 -1.67
C VAL A 220 -18.86 -8.64 -1.96
N THR A 221 -20.09 -8.91 -2.42
CA THR A 221 -20.53 -10.27 -2.71
C THR A 221 -20.99 -10.42 -4.16
N VAL A 222 -21.22 -9.28 -4.81
CA VAL A 222 -21.80 -9.26 -6.16
C VAL A 222 -20.92 -9.98 -7.18
N THR A 223 -19.61 -10.01 -6.94
CA THR A 223 -18.72 -10.71 -7.85
C THR A 223 -18.41 -12.13 -7.39
N LYS A 224 -19.04 -12.55 -6.29
CA LYS A 224 -18.88 -13.92 -5.76
C LYS A 224 -17.42 -14.31 -5.68
N HIS A 225 -16.62 -13.44 -5.08
CA HIS A 225 -15.16 -13.57 -5.14
C HIS A 225 -14.54 -13.09 -3.84
N ASP A 226 -13.86 -14.02 -3.16
CA ASP A 226 -12.97 -13.71 -2.04
C ASP A 226 -11.61 -13.41 -2.65
N MET A 227 -11.25 -12.13 -2.68
CA MET A 227 -10.14 -11.63 -3.51
C MET A 227 -8.79 -11.58 -2.79
N PHE A 228 -8.68 -12.31 -1.69
CA PHE A 228 -7.40 -12.49 -1.00
C PHE A 228 -6.42 -13.27 -1.89
N CYS A 229 -5.15 -12.84 -1.91
CA CYS A 229 -4.08 -13.49 -2.71
C CYS A 229 -4.26 -13.47 -4.24
N PRO A 230 -4.61 -12.31 -4.82
CA PRO A 230 -4.94 -12.27 -6.25
C PRO A 230 -3.86 -11.69 -7.14
N GLY A 231 -4.06 -11.84 -8.44
CA GLY A 231 -3.39 -10.96 -9.39
C GLY A 231 -4.15 -9.65 -9.42
N ILE A 232 -3.47 -8.54 -9.71
CA ILE A 232 -4.09 -7.23 -9.84
C ILE A 232 -3.47 -6.45 -10.99
N SER A 233 -4.31 -5.99 -11.92
CA SER A 233 -3.86 -5.12 -13.01
C SER A 233 -4.92 -4.11 -13.38
N MET A 234 -4.52 -2.85 -13.60
CA MET A 234 -5.46 -1.87 -14.14
C MET A 234 -5.45 -1.99 -15.65
N ASP A 235 -6.58 -2.38 -16.27
CA ASP A 235 -6.52 -2.62 -17.70
C ASP A 235 -6.73 -1.33 -18.50
N GLY A 236 -6.64 -1.42 -19.83
CA GLY A 236 -6.71 -0.24 -20.67
C GLY A 236 -8.08 0.42 -20.68
N ASN A 237 -9.09 -0.31 -20.23
CA ASN A 237 -10.45 0.24 -20.13
C ASN A 237 -10.69 0.94 -18.79
N GLY A 238 -9.64 1.07 -17.99
CA GLY A 238 -9.72 1.80 -16.74
C GLY A 238 -10.43 1.03 -15.64
N GLN A 239 -10.38 -0.28 -15.73
CA GLN A 239 -10.95 -1.13 -14.68
C GLN A 239 -9.87 -2.01 -14.08
N ILE A 240 -9.89 -2.16 -12.76
CA ILE A 240 -8.93 -3.02 -12.07
C ILE A 240 -9.37 -4.47 -12.14
N VAL A 241 -8.53 -5.28 -12.75
CA VAL A 241 -8.80 -6.68 -12.96
C VAL A 241 -8.19 -7.46 -11.80
N VAL A 242 -9.03 -8.05 -10.97
CA VAL A 242 -8.58 -8.78 -9.79
C VAL A 242 -8.87 -10.27 -9.97
N THR A 243 -7.81 -11.08 -9.95
CA THR A 243 -7.94 -12.48 -10.35
C THR A 243 -7.59 -13.51 -9.29
N GLY A 244 -8.43 -14.53 -9.17
CA GLY A 244 -8.10 -15.72 -8.40
C GLY A 244 -7.94 -15.47 -6.91
N GLY A 245 -7.02 -16.21 -6.31
CA GLY A 245 -6.82 -16.13 -4.87
C GLY A 245 -7.73 -17.11 -4.16
N ASN A 246 -8.43 -16.66 -3.11
CA ASN A 246 -9.24 -17.60 -2.35
C ASN A 246 -10.34 -18.26 -3.19
N ASP A 247 -10.88 -17.53 -4.17
CA ASP A 247 -11.71 -18.15 -5.20
C ASP A 247 -10.88 -18.16 -6.48
N ALA A 248 -10.22 -19.28 -6.73
CA ALA A 248 -9.05 -19.30 -7.61
C ALA A 248 -9.33 -19.07 -9.09
N LYS A 249 -10.58 -19.22 -9.54
CA LYS A 249 -10.86 -19.03 -10.95
C LYS A 249 -11.56 -17.72 -11.27
N LYS A 250 -11.94 -16.97 -10.24
CA LYS A 250 -12.76 -15.78 -10.44
C LYS A 250 -12.00 -14.57 -10.94
N THR A 251 -12.67 -13.75 -11.72
CA THR A 251 -12.20 -12.42 -12.08
C THR A 251 -13.24 -11.41 -11.65
N SER A 252 -12.80 -10.38 -10.94
CA SER A 252 -13.65 -9.26 -10.55
C SER A 252 -13.06 -7.98 -11.13
N LEU A 253 -13.93 -7.03 -11.46
CA LEU A 253 -13.51 -5.77 -12.05
C LEU A 253 -13.93 -4.61 -11.16
N TYR A 254 -12.97 -3.83 -10.68
CA TYR A 254 -13.33 -2.62 -9.94
C TYR A 254 -13.33 -1.42 -10.88
N ASP A 255 -14.46 -0.73 -10.95
CA ASP A 255 -14.59 0.44 -11.78
C ASP A 255 -14.55 1.72 -10.95
N SER A 256 -13.50 2.51 -11.11
CA SER A 256 -13.32 3.70 -10.29
C SER A 256 -14.41 4.74 -10.54
N SER A 257 -14.79 4.89 -11.80
CA SER A 257 -15.76 5.92 -12.17
C SER A 257 -17.09 5.75 -11.44
N SER A 258 -17.52 4.51 -11.28
CA SER A 258 -18.81 4.23 -10.65
C SER A 258 -18.62 3.73 -9.22
N ASP A 259 -17.36 3.60 -8.80
CA ASP A 259 -16.99 3.06 -7.50
C ASP A 259 -17.75 1.75 -7.23
N SER A 260 -17.69 0.85 -8.19
CA SER A 260 -18.41 -0.40 -8.05
C SER A 260 -17.62 -1.58 -8.59
N TRP A 261 -18.02 -2.77 -8.15
CA TRP A 261 -17.43 -4.02 -8.57
C TRP A 261 -18.35 -4.75 -9.55
N ILE A 262 -17.76 -5.27 -10.61
CA ILE A 262 -18.46 -5.91 -11.71
C ILE A 262 -17.88 -7.30 -11.94
N PRO A 263 -18.73 -8.32 -12.06
CA PRO A 263 -18.25 -9.67 -12.37
C PRO A 263 -17.49 -9.74 -13.70
N GLY A 264 -16.39 -10.48 -13.72
CA GLY A 264 -15.68 -10.74 -14.96
C GLY A 264 -15.74 -12.23 -15.29
N PRO A 265 -15.18 -12.61 -16.44
CA PRO A 265 -15.15 -14.03 -16.81
C PRO A 265 -14.14 -14.81 -15.98
N ASP A 266 -14.42 -16.08 -15.72
CA ASP A 266 -13.45 -16.94 -15.07
C ASP A 266 -12.17 -17.05 -15.89
N MET A 267 -11.03 -17.08 -15.19
CA MET A 267 -9.77 -17.44 -15.85
C MET A 267 -9.86 -18.86 -16.39
N GLN A 268 -9.01 -19.15 -17.37
CA GLN A 268 -8.91 -20.51 -17.90
C GLN A 268 -8.24 -21.44 -16.90
N VAL A 269 -7.31 -20.90 -16.13
CA VAL A 269 -6.58 -21.67 -15.13
C VAL A 269 -6.80 -21.08 -13.74
N ALA A 270 -7.07 -21.93 -12.77
CA ALA A 270 -7.23 -21.48 -11.39
C ALA A 270 -5.88 -21.13 -10.78
N ARG A 271 -5.79 -19.95 -10.16
CA ARG A 271 -4.52 -19.39 -9.69
C ARG A 271 -4.65 -18.63 -8.38
N GLY A 272 -3.56 -18.60 -7.62
CA GLY A 272 -3.42 -17.70 -6.49
C GLY A 272 -1.96 -17.30 -6.35
N TYR A 273 -1.72 -16.05 -5.94
CA TYR A 273 -0.37 -15.47 -5.79
C TYR A 273 0.35 -15.30 -7.12
N GLN A 274 -0.38 -15.44 -8.21
CA GLN A 274 0.17 -15.08 -9.51
C GLN A 274 0.37 -13.57 -9.59
N SER A 275 1.27 -13.15 -10.47
CA SER A 275 1.26 -11.76 -10.90
C SER A 275 0.49 -11.65 -12.23
N SER A 276 -0.19 -10.52 -12.41
CA SER A 276 -0.72 -10.16 -13.72
C SER A 276 -0.13 -8.83 -14.13
N ALA A 277 -0.07 -8.57 -15.43
CA ALA A 277 0.50 -7.33 -15.95
C ALA A 277 -0.33 -6.81 -17.13
N THR A 278 -0.70 -5.54 -17.06
CA THR A 278 -1.32 -4.87 -18.20
C THR A 278 -0.31 -4.72 -19.33
N MET A 279 -0.82 -4.93 -20.54
CA MET A 279 -0.03 -4.95 -21.76
C MET A 279 -0.17 -3.65 -22.55
N SER A 280 0.63 -3.54 -23.62
CA SER A 280 0.65 -2.34 -24.46
C SER A 280 -0.69 -2.07 -25.14
N ASP A 281 -1.50 -3.12 -25.28
CA ASP A 281 -2.79 -2.98 -25.94
C ASP A 281 -3.94 -2.93 -24.93
N GLY A 282 -3.60 -2.75 -23.66
CA GLY A 282 -4.61 -2.65 -22.61
C GLY A 282 -5.11 -3.96 -22.06
N ARG A 283 -4.76 -5.08 -22.69
CA ARG A 283 -5.12 -6.40 -22.19
C ARG A 283 -4.31 -6.76 -20.94
N VAL A 284 -4.64 -7.87 -20.30
CA VAL A 284 -3.94 -8.28 -19.08
C VAL A 284 -3.39 -9.69 -19.22
N PHE A 285 -2.09 -9.85 -18.97
CA PHE A 285 -1.40 -11.13 -19.02
C PHE A 285 -1.20 -11.67 -17.61
N THR A 286 -1.38 -12.96 -17.41
CA THR A 286 -1.00 -13.54 -16.13
C THR A 286 -0.33 -14.90 -16.34
N ILE A 287 0.44 -15.33 -15.36
CA ILE A 287 1.17 -16.59 -15.45
C ILE A 287 1.50 -17.05 -14.04
N GLY A 288 1.65 -18.36 -13.85
CA GLY A 288 1.94 -18.90 -12.53
C GLY A 288 0.78 -18.84 -11.57
N GLY A 289 1.12 -18.84 -10.29
CA GLY A 289 0.14 -18.79 -9.20
C GLY A 289 -0.34 -20.11 -8.61
N SER A 290 0.56 -20.87 -8.00
CA SER A 290 0.16 -22.15 -7.43
C SER A 290 -0.27 -22.09 -5.96
N TRP A 291 -0.52 -20.90 -5.42
CA TRP A 291 -0.97 -20.82 -4.03
C TRP A 291 -2.38 -21.41 -3.87
N SER A 292 -3.22 -21.22 -4.88
CA SER A 292 -4.57 -21.78 -4.87
C SER A 292 -4.92 -22.30 -6.26
N GLY A 293 -5.96 -23.13 -6.34
CA GLY A 293 -6.35 -23.70 -7.62
C GLY A 293 -5.55 -24.93 -8.02
N GLY A 294 -4.64 -25.35 -7.15
CA GLY A 294 -3.83 -26.54 -7.44
C GLY A 294 -2.38 -26.20 -7.65
N VAL A 295 -1.54 -27.22 -7.57
CA VAL A 295 -0.10 -27.04 -7.76
C VAL A 295 0.35 -27.83 -8.99
N PHE A 296 0.54 -27.11 -10.10
CA PHE A 296 0.95 -27.71 -11.38
C PHE A 296 1.43 -26.57 -12.27
N GLU A 297 1.98 -26.89 -13.44
CA GLU A 297 2.49 -25.83 -14.32
C GLU A 297 1.34 -25.02 -14.92
N LYS A 298 1.28 -23.75 -14.50
CA LYS A 298 0.25 -22.81 -14.94
C LYS A 298 0.88 -21.80 -15.88
N ASN A 299 0.72 -22.06 -17.17
CA ASN A 299 1.31 -21.22 -18.19
C ASN A 299 0.47 -19.97 -18.39
N GLY A 300 0.83 -19.16 -19.37
CA GLY A 300 0.20 -17.85 -19.52
C GLY A 300 -1.24 -17.89 -19.95
N GLU A 301 -1.94 -16.80 -19.68
CA GLU A 301 -3.24 -16.56 -20.32
C GLU A 301 -3.49 -15.07 -20.38
N VAL A 302 -4.40 -14.66 -21.25
CA VAL A 302 -4.58 -13.24 -21.51
C VAL A 302 -6.06 -12.84 -21.49
N TYR A 303 -6.33 -11.71 -20.83
CA TYR A 303 -7.68 -11.15 -20.72
C TYR A 303 -7.91 -10.01 -21.70
N SER A 304 -8.98 -10.11 -22.49
CA SER A 304 -9.39 -9.00 -23.35
C SER A 304 -10.56 -8.25 -22.76
N PRO A 305 -10.35 -6.96 -22.40
CA PRO A 305 -11.46 -6.17 -21.86
C PRO A 305 -12.58 -5.95 -22.88
N SER A 306 -12.25 -5.96 -24.17
CA SER A 306 -13.27 -5.69 -25.18
C SER A 306 -14.20 -6.89 -25.41
N SER A 307 -13.63 -8.09 -25.46
CA SER A 307 -14.43 -9.30 -25.70
C SER A 307 -14.87 -9.95 -24.39
N LYS A 308 -14.31 -9.49 -23.28
CA LYS A 308 -14.61 -10.04 -21.95
C LYS A 308 -14.30 -11.53 -21.90
N THR A 309 -13.09 -11.89 -22.34
CA THR A 309 -12.65 -13.28 -22.37
C THR A 309 -11.26 -13.47 -21.78
N TRP A 310 -11.01 -14.65 -21.24
CA TRP A 310 -9.65 -15.12 -20.97
C TRP A 310 -9.31 -16.20 -22.00
N THR A 311 -8.10 -16.13 -22.55
CA THR A 311 -7.66 -17.12 -23.51
C THR A 311 -6.32 -17.68 -23.07
N SER A 312 -6.23 -18.99 -23.03
CA SER A 312 -5.01 -19.65 -22.59
C SER A 312 -3.89 -19.43 -23.61
N LEU A 313 -2.68 -19.20 -23.09
CA LEU A 313 -1.47 -19.12 -23.92
C LEU A 313 -0.50 -20.21 -23.45
N PRO A 314 -0.80 -21.45 -23.82
CA PRO A 314 -0.07 -22.58 -23.22
C PRO A 314 1.41 -22.60 -23.58
N ASN A 315 1.79 -21.93 -24.67
CA ASN A 315 3.19 -21.92 -25.06
C ASN A 315 3.98 -20.76 -24.45
N ALA A 316 3.28 -19.88 -23.73
CA ALA A 316 3.93 -18.95 -22.82
C ALA A 316 4.22 -19.73 -21.54
N LYS A 317 5.34 -20.44 -21.54
CA LYS A 317 5.61 -21.46 -20.53
C LYS A 317 6.11 -20.84 -19.24
N VAL A 318 5.55 -21.29 -18.12
CA VAL A 318 6.00 -20.86 -16.82
C VAL A 318 7.33 -21.50 -16.40
N ASN A 319 7.68 -22.67 -16.94
CA ASN A 319 8.89 -23.34 -16.47
C ASN A 319 10.15 -22.46 -16.40
N PRO A 320 10.44 -21.66 -17.44
CA PRO A 320 11.69 -20.87 -17.38
C PRO A 320 11.75 -19.81 -16.29
N MET A 321 10.61 -19.40 -15.72
CA MET A 321 10.64 -18.40 -14.65
C MET A 321 10.53 -18.98 -13.26
N LEU A 322 10.53 -20.30 -13.12
CA LEU A 322 10.40 -20.87 -11.78
C LEU A 322 11.66 -20.64 -10.94
N THR A 323 11.48 -20.23 -9.68
CA THR A 323 12.62 -20.20 -8.77
C THR A 323 12.97 -21.61 -8.33
N ALA A 324 14.08 -21.73 -7.60
CA ALA A 324 14.49 -23.00 -7.03
C ALA A 324 13.98 -23.18 -5.60
N ASP A 325 12.85 -22.57 -5.27
CA ASP A 325 12.28 -22.64 -3.92
C ASP A 325 12.28 -24.06 -3.38
N LYS A 326 12.76 -24.24 -2.15
CA LYS A 326 12.82 -25.56 -1.54
C LYS A 326 11.42 -26.15 -1.42
N GLN A 327 10.40 -25.32 -1.28
CA GLN A 327 9.02 -25.79 -1.15
C GLN A 327 8.42 -26.23 -2.49
N GLY A 328 9.13 -25.96 -3.57
CA GLY A 328 8.69 -26.40 -4.89
C GLY A 328 7.67 -25.47 -5.53
N LEU A 329 6.86 -26.02 -6.42
CA LEU A 329 5.99 -25.23 -7.30
C LEU A 329 4.96 -24.37 -6.56
N TYR A 330 4.53 -24.83 -5.39
CA TYR A 330 3.64 -24.07 -4.53
C TYR A 330 4.08 -22.62 -4.41
N ARG A 331 5.40 -22.43 -4.27
CA ARG A 331 5.99 -21.10 -4.15
C ARG A 331 6.68 -20.58 -5.42
N SER A 332 7.25 -21.49 -6.21
CA SER A 332 8.27 -21.06 -7.16
C SER A 332 7.72 -20.28 -8.35
N ASP A 333 6.40 -20.36 -8.58
CA ASP A 333 5.78 -19.60 -9.66
C ASP A 333 5.06 -18.33 -9.16
N ASN A 334 5.32 -17.96 -7.90
CA ASN A 334 4.62 -16.85 -7.27
C ASN A 334 5.19 -15.48 -7.58
N HIS A 335 4.32 -14.47 -7.62
CA HIS A 335 4.72 -13.05 -7.55
C HIS A 335 5.81 -12.66 -8.54
N ALA A 336 5.64 -13.03 -9.80
CA ALA A 336 6.64 -12.66 -10.80
C ALA A 336 6.76 -11.15 -10.93
N TRP A 337 7.97 -10.70 -11.27
CA TRP A 337 8.24 -9.29 -11.44
C TRP A 337 7.91 -8.91 -12.89
N LEU A 338 6.62 -8.75 -13.17
CA LEU A 338 6.14 -8.57 -14.54
C LEU A 338 5.98 -7.12 -14.90
N PHE A 339 6.36 -6.78 -16.14
CA PHE A 339 6.15 -5.45 -16.71
C PHE A 339 5.65 -5.57 -18.15
N GLY A 340 4.49 -4.99 -18.42
CA GLY A 340 4.06 -4.85 -19.81
C GLY A 340 5.09 -4.05 -20.60
N TRP A 341 5.33 -4.46 -21.83
CA TRP A 341 6.34 -3.77 -22.62
C TRP A 341 5.91 -3.71 -24.08
N LYS A 342 6.85 -3.51 -24.99
CA LYS A 342 6.50 -3.21 -26.37
C LYS A 342 5.85 -4.39 -27.11
N LYS A 343 4.93 -4.07 -28.02
CA LYS A 343 4.34 -5.04 -28.95
C LYS A 343 3.75 -6.27 -28.25
N GLY A 344 2.98 -6.02 -27.20
CA GLY A 344 2.26 -7.07 -26.50
C GLY A 344 3.11 -7.96 -25.62
N SER A 345 4.40 -7.64 -25.47
CA SER A 345 5.29 -8.47 -24.69
C SER A 345 5.18 -8.16 -23.21
N VAL A 346 5.63 -9.09 -22.39
CA VAL A 346 5.71 -8.88 -20.94
C VAL A 346 7.10 -9.29 -20.49
N PHE A 347 7.80 -8.39 -19.81
CA PHE A 347 9.13 -8.72 -19.31
C PHE A 347 9.01 -9.31 -17.92
N GLN A 348 9.70 -10.42 -17.67
CA GLN A 348 9.73 -11.03 -16.34
C GLN A 348 11.15 -10.86 -15.79
N ALA A 349 11.29 -9.97 -14.80
CA ALA A 349 12.60 -9.55 -14.28
C ALA A 349 13.13 -10.42 -13.14
N GLY A 350 12.28 -11.28 -12.63
CA GLY A 350 12.54 -12.11 -11.46
C GLY A 350 11.20 -12.57 -10.91
N PRO A 351 11.17 -13.12 -9.68
CA PRO A 351 12.28 -13.24 -8.73
C PRO A 351 13.33 -14.27 -9.11
N SER A 352 13.03 -15.19 -10.03
CA SER A 352 14.04 -16.15 -10.45
C SER A 352 15.28 -15.46 -10.98
N THR A 353 16.43 -16.09 -10.78
CA THR A 353 17.67 -15.62 -11.38
C THR A 353 17.47 -15.39 -12.88
N ALA A 354 16.85 -16.36 -13.54
CA ALA A 354 16.58 -16.26 -14.96
C ALA A 354 15.51 -15.23 -15.27
N MET A 355 15.83 -14.29 -16.16
CA MET A 355 14.86 -13.33 -16.65
C MET A 355 14.32 -13.80 -18.00
N ASN A 356 13.07 -13.45 -18.31
CA ASN A 356 12.45 -13.94 -19.55
C ASN A 356 11.55 -12.91 -20.22
N TRP A 357 11.44 -13.04 -21.54
CA TRP A 357 10.44 -12.32 -22.32
C TRP A 357 9.24 -13.21 -22.55
N TYR A 358 8.05 -12.72 -22.25
CA TYR A 358 6.82 -13.42 -22.60
C TYR A 358 6.12 -12.73 -23.75
N TYR A 359 5.59 -13.53 -24.66
CA TYR A 359 4.91 -13.01 -25.83
C TYR A 359 3.48 -13.51 -25.89
N THR A 360 2.61 -12.69 -26.46
CA THR A 360 1.18 -12.92 -26.36
C THR A 360 0.49 -13.15 -27.71
N SER A 361 1.26 -13.17 -28.79
CA SER A 361 0.68 -13.51 -30.08
C SER A 361 0.48 -15.02 -30.18
N GLY A 362 -0.48 -15.45 -30.99
CA GLY A 362 -0.72 -16.86 -31.17
C GLY A 362 -0.97 -17.53 -29.82
N SER A 363 -0.42 -18.72 -29.63
CA SER A 363 -0.63 -19.44 -28.39
C SER A 363 0.46 -19.14 -27.35
N GLY A 364 1.22 -18.06 -27.58
CA GLY A 364 2.17 -17.59 -26.58
C GLY A 364 3.58 -18.07 -26.84
N ASP A 365 4.55 -17.38 -26.24
CA ASP A 365 5.94 -17.82 -26.36
C ASP A 365 6.72 -17.26 -25.18
N VAL A 366 7.91 -17.80 -24.99
CA VAL A 366 8.80 -17.32 -23.95
C VAL A 366 10.22 -17.43 -24.48
N LYS A 367 11.04 -16.42 -24.22
CA LYS A 367 12.44 -16.42 -24.63
CA LYS A 367 12.44 -16.40 -24.64
C LYS A 367 13.33 -15.94 -23.49
N SER A 368 14.46 -16.61 -23.32
CA SER A 368 15.40 -16.22 -22.27
CA SER A 368 15.40 -16.22 -22.27
C SER A 368 15.91 -14.80 -22.48
N ALA A 369 16.01 -14.05 -21.39
CA ALA A 369 16.54 -12.68 -21.43
C ALA A 369 17.84 -12.61 -20.63
N GLY A 370 18.44 -13.75 -20.36
CA GLY A 370 19.66 -13.77 -19.56
C GLY A 370 19.39 -13.82 -18.08
N LYS A 371 20.45 -13.88 -17.30
CA LYS A 371 20.36 -13.91 -15.84
C LYS A 371 20.53 -12.53 -15.24
N ARG A 372 19.73 -12.22 -14.21
CA ARG A 372 19.97 -11.05 -13.41
C ARG A 372 21.35 -11.21 -12.76
N GLN A 373 22.24 -10.24 -12.97
CA GLN A 373 23.63 -10.39 -12.58
CA GLN A 373 23.62 -10.38 -12.54
C GLN A 373 24.37 -9.06 -12.60
N SER A 374 25.64 -9.09 -12.20
CA SER A 374 26.50 -7.92 -12.22
C SER A 374 27.94 -8.39 -12.13
N ASN A 375 28.87 -7.45 -11.99
CA ASN A 375 30.25 -7.84 -11.79
C ASN A 375 30.49 -8.47 -10.41
N ARG A 376 29.46 -8.47 -9.57
CA ARG A 376 29.51 -9.14 -8.27
C ARG A 376 29.10 -10.60 -8.38
N GLY A 377 28.55 -10.97 -9.53
CA GLY A 377 28.15 -12.35 -9.75
C GLY A 377 26.70 -12.47 -10.17
N VAL A 378 26.26 -13.71 -10.29
CA VAL A 378 24.88 -14.00 -10.67
C VAL A 378 23.97 -13.76 -9.47
N ALA A 379 22.86 -13.05 -9.68
CA ALA A 379 21.97 -12.74 -8.58
C ALA A 379 21.18 -13.98 -8.21
N PRO A 380 21.09 -14.30 -6.92
CA PRO A 380 20.28 -15.43 -6.47
C PRO A 380 18.79 -15.16 -6.63
N ASP A 381 17.98 -16.22 -6.61
CA ASP A 381 16.53 -16.10 -6.54
C ASP A 381 16.18 -15.10 -5.45
N ALA A 382 15.19 -14.25 -5.71
CA ALA A 382 14.83 -13.18 -4.79
C ALA A 382 13.32 -13.11 -4.59
N MET A 383 12.74 -14.19 -4.10
CA MET A 383 11.30 -14.23 -3.86
C MET A 383 10.91 -13.08 -2.93
N CYS A 384 9.86 -12.37 -3.33
CA CYS A 384 9.31 -11.21 -2.60
C CYS A 384 10.31 -10.06 -2.51
N GLY A 385 11.33 -10.08 -3.36
CA GLY A 385 12.02 -8.86 -3.70
C GLY A 385 11.07 -7.97 -4.46
N ASN A 386 11.43 -6.71 -4.63
CA ASN A 386 10.59 -5.75 -5.33
C ASN A 386 11.24 -5.36 -6.66
N ALA A 387 10.44 -4.87 -7.61
CA ALA A 387 10.94 -4.40 -8.89
C ALA A 387 10.15 -3.17 -9.28
N VAL A 388 10.83 -2.09 -9.66
CA VAL A 388 10.18 -0.80 -9.91
C VAL A 388 10.71 -0.16 -11.18
N MET A 389 9.82 0.10 -12.13
CA MET A 389 10.20 0.75 -13.39
C MET A 389 10.17 2.27 -13.21
N TYR A 390 11.31 2.84 -12.82
CA TYR A 390 11.36 4.26 -12.48
C TYR A 390 11.62 5.18 -13.67
N ASP A 391 12.00 4.61 -14.81
CA ASP A 391 12.13 5.41 -16.03
C ASP A 391 11.76 4.51 -17.19
N ALA A 392 10.47 4.53 -17.54
CA ALA A 392 9.98 3.66 -18.60
C ALA A 392 10.53 4.06 -19.97
N VAL A 393 10.81 5.34 -20.17
CA VAL A 393 11.33 5.80 -21.46
C VAL A 393 12.68 5.14 -21.75
N LYS A 394 13.50 5.02 -20.71
CA LYS A 394 14.82 4.42 -20.86
C LYS A 394 14.86 2.94 -20.47
N GLY A 395 13.71 2.36 -20.19
CA GLY A 395 13.63 0.95 -19.84
C GLY A 395 14.23 0.56 -18.50
N LYS A 396 14.31 1.51 -17.57
CA LYS A 396 15.02 1.28 -16.31
C LYS A 396 14.15 0.64 -15.24
N ILE A 397 14.60 -0.50 -14.72
CA ILE A 397 13.94 -1.23 -13.63
C ILE A 397 14.93 -1.41 -12.49
N LEU A 398 14.54 -0.95 -11.30
CA LEU A 398 15.32 -1.16 -10.09
C LEU A 398 14.76 -2.37 -9.35
N THR A 399 15.60 -3.35 -9.04
CA THR A 399 15.16 -4.54 -8.29
C THR A 399 15.93 -4.61 -6.99
N PHE A 400 15.32 -5.15 -5.93
CA PHE A 400 16.02 -5.14 -4.63
C PHE A 400 15.38 -6.05 -3.59
N GLY A 401 16.24 -6.65 -2.75
CA GLY A 401 15.78 -7.40 -1.61
C GLY A 401 15.27 -8.79 -1.97
N GLY A 402 14.42 -9.34 -1.11
CA GLY A 402 13.93 -10.70 -1.28
C GLY A 402 14.89 -11.76 -0.76
N SER A 403 14.47 -13.02 -0.89
CA SER A 403 15.19 -14.15 -0.31
C SER A 403 15.08 -15.35 -1.25
N PRO A 404 16.01 -16.31 -1.16
CA PRO A 404 15.95 -17.42 -2.13
C PRO A 404 14.69 -18.26 -2.00
N ASP A 405 14.19 -18.45 -0.78
CA ASP A 405 12.93 -19.15 -0.56
C ASP A 405 11.88 -18.20 -0.03
N TYR A 406 10.62 -18.55 -0.24
CA TYR A 406 9.51 -17.72 0.19
C TYR A 406 9.58 -17.45 1.68
N GLN A 407 9.87 -18.48 2.45
CA GLN A 407 9.98 -18.31 3.90
C GLN A 407 11.12 -19.10 4.49
N ASP A 408 11.46 -18.77 5.74
CA ASP A 408 12.54 -19.43 6.45
C ASP A 408 13.86 -19.27 5.71
N SER A 409 14.06 -18.09 5.15
CA SER A 409 15.19 -17.81 4.30
C SER A 409 15.70 -16.40 4.56
N ASP A 410 17.01 -16.21 4.58
CA ASP A 410 17.58 -14.87 4.85
C ASP A 410 17.42 -13.94 3.64
N ALA A 411 16.85 -12.75 3.86
CA ALA A 411 16.79 -11.77 2.80
C ALA A 411 18.16 -11.19 2.54
N THR A 412 18.29 -10.48 1.42
CA THR A 412 19.55 -9.88 1.04
C THR A 412 19.45 -8.40 0.77
N THR A 413 20.61 -7.77 0.63
CA THR A 413 20.72 -6.38 0.23
C THR A 413 20.92 -6.23 -1.28
N ASN A 414 20.83 -7.35 -2.00
CA ASN A 414 21.06 -7.29 -3.44
CA ASN A 414 20.94 -7.37 -3.46
C ASN A 414 20.11 -6.31 -4.13
N ALA A 415 20.67 -5.58 -5.09
CA ALA A 415 19.89 -4.61 -5.85
C ALA A 415 20.51 -4.43 -7.21
N HIS A 416 19.67 -4.35 -8.24
CA HIS A 416 20.15 -4.20 -9.61
C HIS A 416 19.41 -3.13 -10.40
N ILE A 417 20.08 -2.64 -11.42
CA ILE A 417 19.44 -1.86 -12.47
CA ILE A 417 19.43 -1.86 -12.47
C ILE A 417 19.41 -2.68 -13.75
N ILE A 418 18.21 -2.96 -14.23
CA ILE A 418 17.98 -3.65 -15.49
C ILE A 418 17.57 -2.61 -16.52
N THR A 419 18.20 -2.62 -17.69
CA THR A 419 17.87 -1.65 -18.73
C THR A 419 17.26 -2.36 -19.94
N LEU A 420 15.95 -2.21 -20.13
CA LEU A 420 15.27 -2.89 -21.22
C LEU A 420 15.48 -2.22 -22.56
N GLY A 421 15.75 -3.05 -23.58
CA GLY A 421 15.68 -2.60 -24.97
C GLY A 421 14.46 -3.25 -25.61
N GLU A 422 14.63 -3.72 -26.84
CA GLU A 422 13.52 -4.36 -27.55
C GLU A 422 13.24 -5.77 -27.01
N PRO A 423 11.97 -6.21 -27.09
CA PRO A 423 11.64 -7.59 -26.73
C PRO A 423 12.56 -8.58 -27.44
N GLY A 424 13.02 -9.62 -26.74
CA GLY A 424 13.87 -10.62 -27.36
C GLY A 424 15.35 -10.32 -27.29
N THR A 425 15.71 -9.16 -26.75
CA THR A 425 17.13 -8.87 -26.49
C THR A 425 17.42 -9.04 -25.01
N SER A 426 18.65 -9.41 -24.67
CA SER A 426 19.02 -9.60 -23.28
C SER A 426 19.46 -8.28 -22.67
N PRO A 427 18.70 -7.79 -21.67
CA PRO A 427 19.01 -6.45 -21.15
C PRO A 427 20.29 -6.41 -20.37
N ASN A 428 20.95 -5.26 -20.43
CA ASN A 428 22.07 -5.01 -19.54
C ASN A 428 21.60 -4.97 -18.08
N THR A 429 22.36 -5.61 -17.20
CA THR A 429 22.09 -5.52 -15.77
CA THR A 429 22.09 -5.53 -15.78
C THR A 429 23.37 -5.18 -15.03
N VAL A 430 23.25 -4.27 -14.07
CA VAL A 430 24.37 -3.88 -13.22
C VAL A 430 23.87 -3.87 -11.79
N PHE A 431 24.79 -3.82 -10.83
CA PHE A 431 24.41 -3.69 -9.44
C PHE A 431 24.01 -2.25 -9.17
N ALA A 432 23.02 -2.06 -8.29
CA ALA A 432 22.60 -0.71 -7.94
C ALA A 432 23.40 -0.23 -6.72
N SER A 433 24.22 0.80 -6.92
CA SER A 433 25.05 1.35 -5.83
C SER A 433 25.81 0.22 -5.13
N ASN A 434 25.77 0.21 -3.80
CA ASN A 434 26.35 -0.87 -3.02
C ASN A 434 25.24 -1.71 -2.38
N GLY A 435 24.04 -1.68 -2.97
CA GLY A 435 22.92 -2.43 -2.44
C GLY A 435 22.16 -1.75 -1.32
N LEU A 436 21.12 -2.42 -0.82
CA LEU A 436 20.33 -1.88 0.28
C LEU A 436 21.14 -1.71 1.55
N TYR A 437 20.76 -0.71 2.35
CA TYR A 437 21.27 -0.61 3.71
C TYR A 437 20.85 -1.79 4.57
N PHE A 438 19.60 -2.20 4.39
CA PHE A 438 19.04 -3.25 5.23
C PHE A 438 18.47 -4.35 4.37
N ALA A 439 18.97 -5.56 4.57
CA ALA A 439 18.39 -6.71 3.91
C ALA A 439 16.93 -6.85 4.30
N ARG A 440 16.07 -7.11 3.33
CA ARG A 440 14.66 -7.19 3.65
C ARG A 440 13.90 -8.00 2.62
N THR A 441 12.89 -8.71 3.10
CA THR A 441 11.89 -9.34 2.22
C THR A 441 10.50 -8.98 2.78
N PHE A 442 9.48 -9.06 1.93
CA PHE A 442 8.09 -8.63 2.21
C PHE A 442 7.99 -7.11 2.35
N HIS A 443 9.06 -6.41 2.01
CA HIS A 443 9.03 -4.95 1.89
C HIS A 443 8.20 -4.50 0.69
N THR A 444 7.92 -3.21 0.63
CA THR A 444 7.13 -2.64 -0.44
C THR A 444 7.80 -1.36 -0.92
N SER A 445 7.39 -0.88 -2.09
CA SER A 445 8.09 0.25 -2.69
C SER A 445 7.25 0.97 -3.71
N VAL A 446 7.54 2.26 -3.89
CA VAL A 446 6.88 3.05 -4.92
C VAL A 446 7.88 3.97 -5.60
N VAL A 447 7.68 4.26 -6.89
CA VAL A 447 8.46 5.29 -7.52
C VAL A 447 7.79 6.65 -7.24
N LEU A 448 8.63 7.63 -6.91
CA LEU A 448 8.21 8.99 -6.56
C LEU A 448 8.30 9.90 -7.78
N PRO A 449 7.66 11.09 -7.72
CA PRO A 449 7.61 11.97 -8.90
C PRO A 449 8.99 12.27 -9.48
N ASP A 450 9.99 12.41 -8.62
CA ASP A 450 11.31 12.77 -9.07
C ASP A 450 12.17 11.58 -9.57
N GLY A 451 11.57 10.40 -9.67
CA GLY A 451 12.29 9.26 -10.20
C GLY A 451 13.00 8.43 -9.15
N SER A 452 13.05 8.93 -7.92
CA SER A 452 13.60 8.15 -6.83
CA SER A 452 13.59 8.15 -6.82
C SER A 452 12.61 7.06 -6.42
N THR A 453 13.14 5.99 -5.83
CA THR A 453 12.29 4.88 -5.37
C THR A 453 12.33 4.78 -3.85
N PHE A 454 11.15 4.80 -3.25
CA PHE A 454 10.99 4.69 -1.80
C PHE A 454 10.72 3.23 -1.45
N ILE A 455 11.45 2.74 -0.45
CA ILE A 455 11.52 1.33 -0.10
C ILE A 455 11.28 1.20 1.39
N THR A 456 10.28 0.43 1.80
CA THR A 456 9.93 0.46 3.21
C THR A 456 9.44 -0.89 3.76
N GLY A 457 9.75 -1.11 5.03
CA GLY A 457 9.27 -2.28 5.74
C GLY A 457 10.04 -3.54 5.44
N GLY A 458 9.36 -4.66 5.59
CA GLY A 458 9.99 -5.95 5.44
C GLY A 458 10.65 -6.44 6.71
N GLN A 459 11.28 -7.60 6.61
CA GLN A 459 12.02 -8.20 7.71
C GLN A 459 13.24 -8.89 7.12
N ARG A 460 14.25 -9.14 7.97
CA ARG A 460 15.52 -9.69 7.49
C ARG A 460 15.42 -11.17 7.19
N ARG A 461 14.57 -11.88 7.91
CA ARG A 461 14.32 -13.29 7.64
C ARG A 461 12.82 -13.50 7.46
N GLY A 462 12.42 -13.99 6.30
CA GLY A 462 11.01 -14.10 5.97
C GLY A 462 10.28 -15.15 6.78
N ILE A 463 9.40 -14.68 7.65
CA ILE A 463 8.58 -15.58 8.47
C ILE A 463 7.17 -15.00 8.47
N PRO A 464 6.34 -15.41 7.49
CA PRO A 464 4.97 -14.92 7.36
C PRO A 464 4.23 -14.96 8.70
N PHE A 465 3.54 -13.86 9.01
CA PHE A 465 2.66 -13.72 10.17
C PHE A 465 3.41 -13.46 11.47
N GLU A 466 4.73 -13.37 11.39
CA GLU A 466 5.57 -13.05 12.56
CA GLU A 466 5.53 -13.01 12.56
C GLU A 466 6.29 -11.73 12.31
N ASP A 467 6.28 -10.84 13.29
CA ASP A 467 6.88 -9.52 13.13
C ASP A 467 8.31 -9.47 13.63
N SER A 468 9.02 -10.58 13.46
CA SER A 468 10.42 -10.67 13.87
C SER A 468 11.37 -10.06 12.83
N THR A 469 12.63 -9.88 13.25
CA THR A 469 13.67 -9.14 12.53
C THR A 469 13.14 -7.99 11.65
N PRO A 470 12.26 -7.14 12.22
CA PRO A 470 11.67 -6.09 11.38
C PRO A 470 12.67 -5.01 10.96
N VAL A 471 12.44 -4.43 9.79
CA VAL A 471 13.23 -3.29 9.32
C VAL A 471 12.36 -2.04 9.40
N PHE A 472 12.74 -1.13 10.29
CA PHE A 472 11.95 0.08 10.55
C PHE A 472 12.45 1.30 9.81
N THR A 473 13.63 1.21 9.20
CA THR A 473 14.21 2.33 8.47
C THR A 473 14.00 2.18 6.97
N PRO A 474 13.23 3.10 6.36
CA PRO A 474 13.06 3.04 4.91
C PRO A 474 14.29 3.59 4.19
N GLU A 475 14.37 3.31 2.90
CA GLU A 475 15.47 3.81 2.07
C GLU A 475 14.91 4.42 0.79
N ILE A 476 15.61 5.41 0.25
CA ILE A 476 15.29 5.95 -1.07
C ILE A 476 16.49 5.79 -1.99
N TYR A 477 16.27 5.20 -3.15
CA TYR A 477 17.27 5.13 -4.20
C TYR A 477 17.13 6.35 -5.11
N VAL A 478 18.23 7.07 -5.28
CA VAL A 478 18.26 8.23 -6.18
C VAL A 478 19.09 7.90 -7.42
N PRO A 479 18.42 7.71 -8.58
CA PRO A 479 19.15 7.23 -9.75
C PRO A 479 20.29 8.13 -10.21
N GLU A 480 20.12 9.45 -10.15
CA GLU A 480 21.15 10.33 -10.68
C GLU A 480 22.45 10.21 -9.90
N GLN A 481 22.35 9.89 -8.61
CA GLN A 481 23.52 9.72 -7.76
C GLN A 481 23.95 8.27 -7.60
N ASP A 482 23.17 7.33 -8.13
CA ASP A 482 23.35 5.89 -7.89
C ASP A 482 23.67 5.65 -6.41
N THR A 483 22.80 6.17 -5.56
CA THR A 483 23.02 6.15 -4.11
C THR A 483 21.71 5.83 -3.39
N PHE A 484 21.79 5.03 -2.34
CA PHE A 484 20.67 4.85 -1.41
C PHE A 484 20.81 5.78 -0.21
N TYR A 485 19.69 6.22 0.32
CA TYR A 485 19.65 7.08 1.52
C TYR A 485 18.64 6.57 2.53
N LYS A 486 19.08 6.36 3.77
CA LYS A 486 18.16 6.04 4.85
C LYS A 486 17.24 7.22 5.11
N GLN A 487 15.97 6.93 5.35
CA GLN A 487 15.02 7.98 5.76
C GLN A 487 14.68 7.80 7.24
N ASN A 488 13.85 8.68 7.80
CA ASN A 488 13.47 8.54 9.19
C ASN A 488 12.67 7.27 9.42
N PRO A 489 12.93 6.58 10.54
CA PRO A 489 12.28 5.28 10.77
C PRO A 489 10.85 5.40 11.31
N ASN A 490 10.05 4.36 11.11
CA ASN A 490 8.74 4.31 11.74
C ASN A 490 8.73 3.28 12.88
N SER A 491 7.57 3.00 13.46
CA SER A 491 7.53 2.14 14.64
C SER A 491 6.57 0.96 14.53
N ILE A 492 5.96 0.79 13.36
CA ILE A 492 5.02 -0.31 13.12
C ILE A 492 5.61 -1.27 12.10
N VAL A 493 5.69 -2.55 12.46
CA VAL A 493 6.24 -3.54 11.55
C VAL A 493 5.34 -3.69 10.32
N ARG A 494 5.95 -3.65 9.14
CA ARG A 494 5.24 -3.80 7.87
C ARG A 494 5.90 -4.88 7.05
N ALA A 495 5.63 -6.13 7.41
CA ALA A 495 6.25 -7.27 6.75
C ALA A 495 5.23 -8.00 5.88
N TYR A 496 5.05 -9.30 6.10
CA TYR A 496 4.16 -10.08 5.25
C TYR A 496 2.75 -9.51 5.26
N HIS A 497 2.19 -9.36 4.05
CA HIS A 497 0.85 -8.81 3.79
C HIS A 497 0.78 -7.29 3.99
N SER A 498 1.91 -6.60 3.84
CA SER A 498 1.89 -5.15 3.81
C SER A 498 1.84 -4.62 2.36
N ILE A 499 1.52 -3.34 2.24
CA ILE A 499 1.36 -2.67 0.94
C ILE A 499 1.90 -1.25 1.03
N SER A 500 2.31 -0.70 -0.10
CA SER A 500 2.54 0.75 -0.26
C SER A 500 1.99 1.22 -1.58
N LEU A 501 1.51 2.46 -1.61
CA LEU A 501 1.03 3.11 -2.82
C LEU A 501 1.42 4.57 -2.81
N LEU A 502 1.71 5.12 -3.98
CA LEU A 502 1.89 6.57 -4.08
C LEU A 502 0.53 7.27 -4.11
N LEU A 503 0.34 8.27 -3.25
CA LEU A 503 -0.89 9.08 -3.29
C LEU A 503 -0.80 10.20 -4.32
N PRO A 504 -1.95 10.64 -4.85
CA PRO A 504 -1.93 11.80 -5.75
C PRO A 504 -1.29 13.04 -5.14
N ASP A 505 -1.28 13.16 -3.82
CA ASP A 505 -0.72 14.36 -3.23
C ASP A 505 0.80 14.25 -3.04
N GLY A 506 1.38 13.12 -3.48
CA GLY A 506 2.83 12.98 -3.44
C GLY A 506 3.41 12.31 -2.22
N ARG A 507 2.55 11.96 -1.27
CA ARG A 507 2.96 11.23 -0.08
C ARG A 507 2.79 9.74 -0.34
N VAL A 508 3.29 8.92 0.57
CA VAL A 508 3.21 7.47 0.44
C VAL A 508 2.30 6.90 1.51
N PHE A 509 1.41 6.02 1.09
CA PHE A 509 0.49 5.32 1.97
C PHE A 509 1.03 3.91 2.17
N ASN A 510 1.37 3.55 3.41
CA ASN A 510 2.02 2.28 3.73
C ASN A 510 1.20 1.60 4.83
N GLY A 511 0.78 0.36 4.61
CA GLY A 511 -0.08 -0.25 5.62
C GLY A 511 -0.15 -1.75 5.57
N GLY A 512 -1.01 -2.31 6.42
CA GLY A 512 -1.23 -3.74 6.48
C GLY A 512 -0.16 -4.51 7.23
N GLY A 513 -0.10 -5.80 6.93
CA GLY A 513 0.71 -6.73 7.70
C GLY A 513 -0.15 -7.63 8.56
N GLY A 514 0.13 -8.93 8.52
CA GLY A 514 -0.60 -9.90 9.31
C GLY A 514 -1.64 -10.63 8.47
N LEU A 515 -2.91 -10.46 8.84
CA LEU A 515 -4.05 -11.15 8.25
C LEU A 515 -3.91 -12.65 8.51
N CYS A 516 -3.97 -13.01 9.79
CA CYS A 516 -3.81 -14.40 10.21
C CYS A 516 -4.76 -14.77 11.34
N GLY A 517 -5.94 -14.17 11.34
CA GLY A 517 -6.99 -14.56 12.27
C GLY A 517 -6.70 -14.15 13.69
N ASP A 518 -6.73 -15.10 14.63
CA ASP A 518 -6.47 -14.74 16.02
CA ASP A 518 -6.47 -14.80 16.02
C ASP A 518 -4.97 -14.77 16.32
N CYS A 519 -4.20 -14.24 15.39
CA CYS A 519 -2.77 -14.03 15.59
C CYS A 519 -2.61 -12.67 16.22
N THR A 520 -1.43 -12.38 16.76
CA THR A 520 -1.22 -11.11 17.45
C THR A 520 -0.58 -10.07 16.54
N THR A 521 -0.42 -10.43 15.27
CA THR A 521 0.37 -9.62 14.36
C THR A 521 -0.45 -8.96 13.26
N ASN A 522 -1.77 -8.90 13.43
CA ASN A 522 -2.60 -8.16 12.51
C ASN A 522 -2.37 -6.67 12.70
N HIS A 523 -2.18 -5.95 11.61
CA HIS A 523 -2.12 -4.49 11.67
C HIS A 523 -3.30 -3.89 10.91
N PHE A 524 -4.30 -3.47 11.69
CA PHE A 524 -5.50 -2.86 11.16
C PHE A 524 -5.27 -1.38 10.89
N ASP A 525 -4.19 -1.06 10.19
CA ASP A 525 -3.88 0.35 10.00
C ASP A 525 -2.91 0.60 8.86
N ALA A 526 -2.64 1.88 8.66
CA ALA A 526 -1.68 2.38 7.69
C ALA A 526 -1.06 3.67 8.23
N GLN A 527 0.08 4.07 7.68
CA GLN A 527 0.67 5.35 8.02
C GLN A 527 1.05 6.10 6.75
N ILE A 528 1.11 7.42 6.86
CA ILE A 528 1.60 8.27 5.78
C ILE A 528 3.08 8.55 5.98
N PHE A 529 3.86 8.39 4.92
CA PHE A 529 5.21 8.93 4.87
C PHE A 529 5.19 10.15 3.98
N THR A 530 5.66 11.26 4.54
CA THR A 530 5.78 12.51 3.80
C THR A 530 7.24 12.71 3.41
N PRO A 531 7.56 12.61 2.11
CA PRO A 531 8.97 12.74 1.73
C PRO A 531 9.54 14.13 1.93
N ASN A 532 10.87 14.18 2.01
CA ASN A 532 11.58 15.42 2.23
C ASN A 532 11.30 16.48 1.18
N TYR A 533 10.95 16.07 -0.04
CA TYR A 533 10.70 17.07 -1.08
C TYR A 533 9.46 17.93 -0.82
N LEU A 534 8.65 17.56 0.18
CA LEU A 534 7.52 18.39 0.56
C LEU A 534 7.84 19.36 1.71
N TYR A 535 9.08 19.33 2.21
CA TYR A 535 9.48 20.21 3.31
C TYR A 535 10.51 21.24 2.88
N ASP A 536 10.44 22.44 3.47
CA ASP A 536 11.46 23.45 3.23
C ASP A 536 12.64 23.24 4.17
N SER A 537 13.61 24.15 4.13
CA SER A 537 14.81 24.03 4.97
C SER A 537 14.52 24.08 6.47
N ASN A 538 13.38 24.67 6.85
CA ASN A 538 13.04 24.80 8.26
C ASN A 538 12.19 23.64 8.78
N GLY A 539 11.87 22.69 7.92
CA GLY A 539 11.02 21.57 8.30
C GLY A 539 9.54 21.88 8.23
N ASN A 540 9.18 22.99 7.60
CA ASN A 540 7.78 23.30 7.35
C ASN A 540 7.38 22.86 5.95
N LEU A 541 6.10 22.58 5.75
CA LEU A 541 5.63 22.18 4.42
C LEU A 541 5.93 23.28 3.41
N ALA A 542 6.58 22.89 2.32
CA ALA A 542 7.01 23.84 1.30
C ALA A 542 5.83 24.28 0.43
N THR A 543 5.94 25.47 -0.15
CA THR A 543 4.98 25.92 -1.14
C THR A 543 5.13 25.08 -2.40
N ARG A 544 4.01 24.57 -2.91
CA ARG A 544 4.04 23.69 -4.07
C ARG A 544 3.60 24.42 -5.33
N PRO A 545 4.26 24.11 -6.45
CA PRO A 545 3.79 24.68 -7.71
C PRO A 545 2.40 24.15 -8.02
N LYS A 546 1.58 24.98 -8.68
CA LYS A 546 0.23 24.57 -9.06
C LYS A 546 0.13 24.46 -10.58
N ILE A 547 -0.54 23.41 -11.03
CA ILE A 547 -0.93 23.29 -12.43
C ILE A 547 -2.28 23.99 -12.55
N THR A 548 -2.31 25.13 -13.24
CA THR A 548 -3.51 25.97 -13.28
C THR A 548 -4.42 25.68 -14.47
N ARG A 549 -3.89 24.97 -15.46
CA ARG A 549 -4.68 24.59 -16.63
C ARG A 549 -4.02 23.42 -17.34
N THR A 550 -4.83 22.52 -17.91
CA THR A 550 -4.35 21.53 -18.86
C THR A 550 -5.20 21.61 -20.12
N SER A 551 -4.57 21.40 -21.29
CA SER A 551 -5.32 21.49 -22.55
C SER A 551 -6.33 20.36 -22.68
N THR A 552 -6.03 19.23 -22.06
CA THR A 552 -6.89 18.05 -22.07
C THR A 552 -6.50 17.12 -20.93
N GLN A 553 -7.43 16.25 -20.52
CA GLN A 553 -7.18 15.31 -19.43
C GLN A 553 -7.16 13.87 -19.94
N SER A 554 -7.40 13.70 -21.24
CA SER A 554 -7.38 12.39 -21.87
C SER A 554 -6.63 12.48 -23.18
N VAL A 555 -5.64 11.62 -23.36
CA VAL A 555 -4.73 11.74 -24.48
C VAL A 555 -4.37 10.35 -25.03
N LYS A 556 -4.22 10.27 -26.34
CA LYS A 556 -3.71 9.06 -26.96
C LYS A 556 -2.19 9.06 -26.86
N VAL A 557 -1.58 7.87 -26.79
CA VAL A 557 -0.13 7.80 -26.89
C VAL A 557 0.36 8.58 -28.12
N GLY A 558 1.47 9.29 -27.95
CA GLY A 558 1.98 10.16 -28.99
C GLY A 558 1.38 11.56 -28.97
N GLY A 559 0.32 11.75 -28.19
CA GLY A 559 -0.39 13.01 -28.16
C GLY A 559 0.31 14.05 -27.29
N ARG A 560 0.01 15.32 -27.52
CA ARG A 560 0.61 16.41 -26.76
CA ARG A 560 0.60 16.41 -26.77
C ARG A 560 -0.39 17.00 -25.76
N ILE A 561 0.13 17.48 -24.64
CA ILE A 561 -0.66 18.21 -23.65
C ILE A 561 0.06 19.53 -23.37
N THR A 562 -0.72 20.61 -23.28
CA THR A 562 -0.17 21.91 -22.90
C THR A 562 -0.69 22.28 -21.52
N ILE A 563 0.21 22.75 -20.66
CA ILE A 563 -0.20 23.15 -19.32
C ILE A 563 0.25 24.56 -18.97
N SER A 564 -0.46 25.17 -18.04
CA SER A 564 -0.02 26.41 -17.43
C SER A 564 0.25 26.15 -15.95
N THR A 565 1.23 26.85 -15.40
CA THR A 565 1.58 26.73 -13.99
C THR A 565 1.58 28.11 -13.34
N ASP A 566 1.58 28.16 -12.02
CA ASP A 566 1.57 29.45 -11.32
C ASP A 566 2.98 29.93 -11.02
N SER A 567 3.96 29.12 -11.40
CA SER A 567 5.37 29.40 -11.15
C SER A 567 6.19 28.58 -12.13
N SER A 568 7.44 28.96 -12.33
CA SER A 568 8.30 28.25 -13.26
C SER A 568 8.57 26.83 -12.76
N ILE A 569 8.58 25.88 -13.68
CA ILE A 569 8.89 24.51 -13.30
C ILE A 569 10.08 23.99 -14.09
N SER A 570 10.82 23.06 -13.49
CA SER A 570 12.06 22.58 -14.07
C SER A 570 11.91 21.20 -14.68
N LYS A 571 11.08 20.38 -14.04
CA LYS A 571 10.89 19.00 -14.47
C LYS A 571 9.43 18.60 -14.40
N ALA A 572 9.06 17.55 -15.11
CA ALA A 572 7.70 17.01 -15.03
C ALA A 572 7.75 15.50 -15.24
N SER A 573 6.81 14.77 -14.66
CA SER A 573 6.77 13.34 -14.89
C SER A 573 5.33 12.83 -14.88
N LEU A 574 5.15 11.68 -15.52
CA LEU A 574 3.90 10.94 -15.46
C LEU A 574 4.12 9.68 -14.64
N ILE A 575 3.30 9.45 -13.63
CA ILE A 575 3.39 8.21 -12.86
CA ILE A 575 3.37 8.25 -12.81
C ILE A 575 2.09 7.45 -12.94
N ARG A 576 2.16 6.23 -13.44
CA ARG A 576 0.94 5.45 -13.59
C ARG A 576 0.44 5.03 -12.20
N TYR A 577 -0.87 5.12 -12.00
CA TYR A 577 -1.47 4.79 -10.72
C TYR A 577 -1.18 3.35 -10.31
N GLY A 578 -1.04 3.13 -9.00
CA GLY A 578 -0.58 1.84 -8.49
C GLY A 578 -1.63 0.90 -7.93
N THR A 579 -1.25 -0.38 -7.86
CA THR A 579 -2.02 -1.41 -7.17
C THR A 579 -1.01 -2.24 -6.40
N ALA A 580 -1.43 -2.91 -5.33
CA ALA A 580 -0.43 -3.56 -4.48
C ALA A 580 -0.96 -4.73 -3.68
N THR A 581 -0.26 -5.85 -3.74
CA THR A 581 -0.46 -6.92 -2.77
C THR A 581 0.73 -7.87 -2.81
N HIS A 582 1.11 -8.40 -1.65
CA HIS A 582 2.15 -9.42 -1.55
C HIS A 582 3.47 -9.01 -2.21
N THR A 583 3.80 -7.72 -2.12
CA THR A 583 5.03 -7.05 -2.66
C THR A 583 4.93 -6.69 -4.13
N VAL A 584 3.85 -7.13 -4.78
CA VAL A 584 3.69 -6.97 -6.23
C VAL A 584 2.92 -5.68 -6.58
N ASN A 585 3.47 -4.88 -7.48
CA ASN A 585 2.80 -3.73 -8.06
C ASN A 585 3.20 -3.64 -9.52
N THR A 586 2.40 -4.22 -10.40
CA THR A 586 2.79 -4.24 -11.82
C THR A 586 2.18 -3.06 -12.59
N ASP A 587 1.47 -2.19 -11.89
CA ASP A 587 0.80 -1.05 -12.53
C ASP A 587 1.58 0.26 -12.47
N GLN A 588 2.31 0.51 -11.40
CA GLN A 588 3.08 1.74 -11.32
C GLN A 588 4.27 1.71 -12.30
N ARG A 589 4.64 2.90 -12.76
CA ARG A 589 5.82 3.12 -13.58
C ARG A 589 5.92 4.61 -13.80
N ARG A 590 7.10 5.10 -14.17
CA ARG A 590 7.27 6.54 -14.34
C ARG A 590 7.82 6.87 -15.71
N ILE A 591 7.27 7.93 -16.31
CA ILE A 591 7.77 8.53 -17.54
C ILE A 591 8.29 9.92 -17.23
N PRO A 592 9.60 10.15 -17.39
CA PRO A 592 10.08 11.53 -17.29
C PRO A 592 9.69 12.28 -18.55
N LEU A 593 9.17 13.49 -18.40
CA LEU A 593 8.67 14.23 -19.57
C LEU A 593 9.68 15.25 -20.10
N THR A 594 9.77 15.34 -21.42
CA THR A 594 10.60 16.35 -22.06
C THR A 594 9.74 17.56 -22.35
N LEU A 595 10.04 18.66 -21.66
CA LEU A 595 9.20 19.85 -21.70
C LEU A 595 9.63 20.83 -22.76
N THR A 596 8.64 21.43 -23.41
CA THR A 596 8.86 22.59 -24.25
C THR A 596 8.38 23.81 -23.47
N ASN A 597 9.24 24.80 -23.31
CA ASN A 597 8.89 26.03 -22.61
C ASN A 597 8.30 27.03 -23.59
N ASN A 598 6.99 27.27 -23.47
CA ASN A 598 6.31 28.21 -24.34
C ASN A 598 6.46 29.65 -23.86
N GLY A 599 7.07 29.81 -22.69
CA GLY A 599 7.18 31.10 -22.04
C GLY A 599 5.91 31.41 -21.25
N GLY A 600 5.99 32.35 -20.32
CA GLY A 600 4.84 32.73 -19.53
C GLY A 600 4.29 31.63 -18.64
N ASN A 601 5.18 30.71 -18.24
CA ASN A 601 4.82 29.55 -17.46
C ASN A 601 3.75 28.71 -18.15
N SER A 602 3.92 28.57 -19.46
CA SER A 602 3.17 27.64 -20.27
C SER A 602 4.14 26.61 -20.81
N TYR A 603 3.80 25.34 -20.70
CA TYR A 603 4.68 24.26 -21.12
C TYR A 603 3.91 23.21 -21.91
N SER A 604 4.62 22.47 -22.75
CA SER A 604 3.99 21.34 -23.43
CA SER A 604 4.01 21.35 -23.47
C SER A 604 4.91 20.13 -23.39
N PHE A 605 4.31 18.96 -23.56
CA PHE A 605 5.07 17.72 -23.64
C PHE A 605 4.31 16.73 -24.48
N GLN A 606 5.03 15.71 -24.97
CA GLN A 606 4.39 14.62 -25.69
C GLN A 606 4.39 13.37 -24.82
N VAL A 607 3.25 12.68 -24.78
CA VAL A 607 3.19 11.34 -24.21
C VAL A 607 3.88 10.39 -25.17
N PRO A 608 4.76 9.51 -24.66
CA PRO A 608 5.48 8.60 -25.56
C PRO A 608 4.56 7.88 -26.53
N SER A 609 5.03 7.67 -27.76
CA SER A 609 4.18 7.12 -28.81
C SER A 609 4.03 5.61 -28.67
N ASP A 610 4.96 4.99 -27.94
CA ASP A 610 4.93 3.54 -27.76
C ASP A 610 4.13 3.18 -26.52
N SER A 611 3.00 2.50 -26.71
CA SER A 611 2.13 2.18 -25.57
C SER A 611 2.67 1.06 -24.70
N GLY A 612 3.80 0.46 -25.10
CA GLY A 612 4.49 -0.47 -24.22
C GLY A 612 5.28 0.28 -23.15
N VAL A 613 5.58 1.54 -23.43
CA VAL A 613 6.20 2.47 -22.48
C VAL A 613 5.09 3.20 -21.73
N ALA A 614 4.26 3.94 -22.48
CA ALA A 614 3.08 4.60 -21.90
C ALA A 614 1.88 3.65 -21.88
N LEU A 615 1.95 2.66 -20.98
CA LEU A 615 0.85 1.73 -20.77
C LEU A 615 -0.47 2.43 -20.61
N PRO A 616 -1.47 2.05 -21.40
CA PRO A 616 -2.79 2.68 -21.27
C PRO A 616 -3.35 2.54 -19.87
N GLY A 617 -4.03 3.58 -19.41
CA GLY A 617 -4.63 3.59 -18.08
C GLY A 617 -4.60 4.99 -17.50
N TYR A 618 -4.70 5.06 -16.17
CA TYR A 618 -4.66 6.35 -15.50
C TYR A 618 -3.26 6.68 -15.02
N TRP A 619 -2.87 7.93 -15.23
CA TRP A 619 -1.57 8.43 -14.82
C TRP A 619 -1.67 9.70 -14.01
N MET A 620 -0.69 9.93 -13.14
CA MET A 620 -0.54 11.18 -12.41
C MET A 620 0.46 12.08 -13.10
N LEU A 621 0.05 13.31 -13.43
CA LEU A 621 0.99 14.33 -13.90
C LEU A 621 1.50 15.15 -12.73
N PHE A 622 2.81 15.13 -12.53
CA PHE A 622 3.48 15.94 -11.52
C PHE A 622 4.40 16.95 -12.19
N VAL A 623 4.38 18.20 -11.74
CA VAL A 623 5.43 19.15 -12.13
C VAL A 623 6.26 19.50 -10.89
N MET A 624 7.54 19.76 -11.11
N MET A 624 7.53 19.80 -11.11
CA MET A 624 8.43 20.12 -10.02
CA MET A 624 8.45 20.08 -10.01
C MET A 624 9.11 21.45 -10.29
C MET A 624 9.20 21.38 -10.26
N ASN A 625 9.23 22.27 -9.26
CA ASN A 625 9.94 23.55 -9.39
C ASN A 625 11.43 23.37 -9.19
N SER A 626 12.18 24.46 -9.25
CA SER A 626 13.63 24.41 -9.16
C SER A 626 14.10 23.85 -7.82
N ALA A 627 13.29 24.08 -6.78
CA ALA A 627 13.59 23.59 -5.44
C ALA A 627 13.29 22.09 -5.28
N GLY A 628 12.70 21.49 -6.30
CA GLY A 628 12.41 20.06 -6.28
C GLY A 628 11.06 19.70 -5.68
N VAL A 629 10.26 20.72 -5.41
CA VAL A 629 8.93 20.50 -4.81
C VAL A 629 7.92 20.16 -5.90
N PRO A 630 7.27 18.99 -5.76
CA PRO A 630 6.24 18.59 -6.74
C PRO A 630 4.90 19.24 -6.47
N SER A 631 4.15 19.47 -7.54
CA SER A 631 2.73 19.76 -7.44
C SER A 631 1.99 18.55 -6.88
N VAL A 632 0.72 18.72 -6.55
CA VAL A 632 -0.14 17.55 -6.42
C VAL A 632 -0.42 17.05 -7.83
N ALA A 633 -0.83 15.79 -7.96
CA ALA A 633 -1.05 15.19 -9.29
C ALA A 633 -2.26 15.75 -10.00
N SER A 634 -2.12 15.93 -11.31
CA SER A 634 -3.28 16.08 -12.20
C SER A 634 -3.49 14.72 -12.86
N THR A 635 -4.72 14.25 -12.86
CA THR A 635 -5.03 12.93 -13.43
C THR A 635 -5.18 13.00 -14.94
N ILE A 636 -4.41 12.15 -15.61
CA ILE A 636 -4.41 12.04 -17.07
C ILE A 636 -4.78 10.62 -17.49
N ARG A 637 -5.75 10.48 -18.38
CA ARG A 637 -6.05 9.18 -18.95
C ARG A 637 -5.27 9.01 -20.26
N VAL A 638 -4.53 7.91 -20.37
CA VAL A 638 -3.77 7.62 -21.58
C VAL A 638 -4.43 6.48 -22.31
N THR A 639 -4.74 6.70 -23.59
CA THR A 639 -5.44 5.68 -24.37
C THR A 639 -4.63 5.26 -25.59
N GLN A 640 -5.01 4.14 -26.18
CA GLN A 640 -4.42 3.70 -27.43
C GLN A 640 -5.48 3.01 -28.28
CU CU B . -0.64 -14.19 1.66
CA CA C . -13.12 -1.58 33.87
C ACT D . 16.31 -27.02 -4.62
O ACT D . 15.10 -27.13 -4.91
OXT ACT D . 17.14 -27.43 -5.46
CH3 ACT D . 16.75 -26.44 -3.30
C ACT E . 18.01 -8.46 -6.82
O ACT E . 18.24 -7.35 -7.37
OXT ACT E . 18.63 -9.46 -7.25
CH3 ACT E . 17.01 -8.57 -5.72
C1 GOL F . 15.86 11.87 -2.14
O1 GOL F . 16.16 13.03 -2.86
C2 GOL F . 16.09 12.08 -0.65
O2 GOL F . 16.21 13.45 -0.32
C3 GOL F . 17.36 11.34 -0.27
O3 GOL F . 17.38 11.23 1.13
#